data_3FQ8
#
_entry.id   3FQ8
#
_cell.length_a   66.680
_cell.length_b   106.951
_cell.length_c   122.872
_cell.angle_alpha   90.00
_cell.angle_beta   90.00
_cell.angle_gamma   90.00
#
_symmetry.space_group_name_H-M   'P 21 21 21'
#
loop_
_entity.id
_entity.type
_entity.pdbx_description
1 polymer 'Glutamate-1-semialdehyde 2,1-aminomutase'
2 non-polymer "4'-DEOXY-4'-AMINOPYRIDOXAL-5'-PHOSPHATE"
3 water water
#
_entity_poly.entity_id   1
_entity_poly.type   'polypeptide(L)'
_entity_poly.pdbx_seq_one_letter_code
;FKTIKSDEIFAAAQKLMPGGVSSPVRAFKSVGGQPIVFDRVKDAYAWDVDGNRYIDYVGTWGPAICGHAHPEVIEALKVA
MEKGTSFGAPCALENVLAEMVNDAVPSIEMVRFVNSGTEACMAVLRIMRAYTGRDKIIKFEGCYHGHADMFLVKAGSGVA
TLGLPSSPGVPKKTTANTLTTPYNDLEAVKALFAENPGEIAGVILEPIVGNSGFIVPDAGFLEGLREITLEHDALLVFDE
VITGFRIAYGGVQEKFGVTPDLTTLGKIIGGGLPVGAYGGKREIMQLVAPAGPMYQAGTLSGNPLAMTAGIKTLELLRQP
GTYEYLDQITKRLSDGLLAIAQETGHAACGGQVSGMFGFFFTEGPVHNYEDAKKSDLQKFSRFHRGMLEQGIYLAPSQFE
AGFTSLAHTEEDIDATLAAARTVMSAL
;
_entity_poly.pdbx_strand_id   A,B
#
# COMPACT_ATOMS: atom_id res chain seq x y z
N PHE A 1 -21.16 26.17 -17.39
CA PHE A 1 -20.39 25.08 -16.70
C PHE A 1 -20.02 25.54 -15.29
N LYS A 2 -20.72 25.02 -14.29
CA LYS A 2 -20.45 25.42 -12.92
C LYS A 2 -19.56 24.43 -12.18
N THR A 3 -18.61 24.96 -11.41
CA THR A 3 -17.69 24.14 -10.63
C THR A 3 -17.57 24.74 -9.23
N ILE A 4 -18.61 25.45 -8.83
CA ILE A 4 -18.64 26.11 -7.52
C ILE A 4 -18.41 25.13 -6.37
N LYS A 5 -19.11 24.00 -6.40
CA LYS A 5 -19.02 22.99 -5.36
C LYS A 5 -17.61 22.40 -5.30
N SER A 6 -17.01 22.15 -6.45
CA SER A 6 -15.67 21.59 -6.51
C SER A 6 -14.66 22.58 -5.94
N ASP A 7 -14.74 23.82 -6.38
CA ASP A 7 -13.80 24.85 -5.91
C ASP A 7 -13.86 24.97 -4.40
N GLU A 8 -15.07 24.91 -3.87
CA GLU A 8 -15.28 25.02 -2.43
C GLU A 8 -14.61 23.87 -1.69
N ILE A 9 -14.91 22.64 -2.10
CA ILE A 9 -14.33 21.48 -1.46
C ILE A 9 -12.80 21.42 -1.63
N PHE A 10 -12.33 21.77 -2.82
CA PHE A 10 -10.88 21.74 -3.07
C PHE A 10 -10.17 22.81 -2.23
N ALA A 11 -10.76 23.99 -2.14
CA ALA A 11 -10.15 25.06 -1.37
C ALA A 11 -10.00 24.62 0.09
N ALA A 12 -11.03 23.97 0.64
CA ALA A 12 -10.97 23.50 2.02
C ALA A 12 -9.94 22.38 2.15
N ALA A 13 -9.84 21.54 1.12
CA ALA A 13 -8.90 20.43 1.12
C ALA A 13 -7.46 20.87 1.24
N GLN A 14 -7.10 21.94 0.53
CA GLN A 14 -5.74 22.44 0.55
C GLN A 14 -5.26 22.84 1.94
N LYS A 15 -6.20 23.04 2.85
CA LYS A 15 -5.84 23.43 4.21
C LYS A 15 -5.71 22.20 5.09
N LEU A 16 -6.18 21.06 4.58
CA LEU A 16 -6.16 19.81 5.32
C LEU A 16 -5.12 18.80 4.85
N MET A 17 -4.87 18.80 3.55
CA MET A 17 -3.92 17.87 2.95
C MET A 17 -2.96 18.57 1.99
N PRO A 18 -1.74 18.03 1.81
CA PRO A 18 -0.76 18.64 0.91
C PRO A 18 -1.30 18.82 -0.50
N GLY A 19 -1.45 20.07 -0.91
CA GLY A 19 -1.96 20.35 -2.24
C GLY A 19 -3.45 20.03 -2.33
N GLY A 20 -4.04 19.69 -1.19
CA GLY A 20 -5.46 19.37 -1.16
C GLY A 20 -5.81 18.09 -1.89
N VAL A 21 -4.82 17.21 -2.07
CA VAL A 21 -5.04 15.94 -2.77
C VAL A 21 -4.33 14.79 -2.08
N SER A 22 -4.75 13.55 -2.38
CA SER A 22 -4.14 12.36 -1.81
C SER A 22 -3.04 11.83 -2.75
N SER A 23 -3.02 12.35 -3.98
CA SER A 23 -2.03 11.95 -4.98
C SER A 23 -1.81 13.15 -5.90
N PRO A 24 -0.54 13.52 -6.13
CA PRO A 24 -0.06 14.64 -6.96
C PRO A 24 -0.76 14.89 -8.29
N VAL A 25 -0.92 13.84 -9.09
CA VAL A 25 -1.55 14.00 -10.39
C VAL A 25 -2.95 14.63 -10.33
N ARG A 26 -3.71 14.32 -9.28
CA ARG A 26 -5.05 14.87 -9.16
C ARG A 26 -5.01 16.40 -9.03
N ALA A 27 -3.80 16.96 -8.98
CA ALA A 27 -3.57 18.40 -8.80
C ALA A 27 -4.06 19.43 -9.84
N PHE A 28 -4.09 19.07 -11.12
CA PHE A 28 -4.52 20.01 -12.15
C PHE A 28 -3.59 21.21 -12.37
N LYS A 29 -2.44 21.23 -11.70
CA LYS A 29 -1.51 22.35 -11.85
C LYS A 29 -1.01 22.57 -13.28
N SER A 30 -1.00 21.52 -14.08
CA SER A 30 -0.52 21.64 -15.46
C SER A 30 -1.67 21.72 -16.45
N VAL A 31 -2.88 21.69 -15.91
CA VAL A 31 -4.07 21.73 -16.74
C VAL A 31 -4.80 23.05 -16.48
N GLY A 32 -4.20 23.83 -15.59
CA GLY A 32 -4.75 25.13 -15.27
C GLY A 32 -4.99 25.31 -13.79
N GLY A 33 -5.43 24.23 -13.17
CA GLY A 33 -5.75 24.30 -11.77
C GLY A 33 -7.27 24.26 -11.76
N GLN A 34 -7.85 23.89 -10.63
CA GLN A 34 -9.29 23.77 -10.52
C GLN A 34 -9.71 22.32 -10.78
N PRO A 35 -9.22 21.37 -9.95
CA PRO A 35 -9.60 19.97 -10.16
C PRO A 35 -11.08 19.80 -9.87
N ILE A 36 -11.72 18.80 -10.47
CA ILE A 36 -13.13 18.62 -10.21
C ILE A 36 -13.30 17.52 -9.17
N VAL A 37 -14.16 17.79 -8.19
CA VAL A 37 -14.42 16.86 -7.11
C VAL A 37 -15.51 15.87 -7.54
N PHE A 38 -15.20 14.58 -7.45
CA PHE A 38 -16.14 13.54 -7.84
C PHE A 38 -17.15 13.24 -6.74
N ASP A 39 -18.36 12.87 -7.13
CA ASP A 39 -19.38 12.49 -6.17
C ASP A 39 -19.65 11.00 -6.35
N ARG A 40 -19.71 10.55 -7.59
CA ARG A 40 -19.97 9.15 -7.90
C ARG A 40 -19.55 8.76 -9.32
N VAL A 41 -19.40 7.46 -9.54
CA VAL A 41 -19.02 6.95 -10.85
C VAL A 41 -19.82 5.69 -11.16
N LYS A 42 -20.12 5.47 -12.43
CA LYS A 42 -20.88 4.30 -12.84
C LYS A 42 -20.68 4.05 -14.32
N ASP A 43 -20.44 2.79 -14.67
CA ASP A 43 -20.21 2.39 -16.06
C ASP A 43 -19.10 3.25 -16.66
N ALA A 44 -19.37 3.96 -17.75
CA ALA A 44 -18.36 4.80 -18.37
C ALA A 44 -18.41 6.26 -17.92
N TYR A 45 -19.20 6.55 -16.89
CA TYR A 45 -19.36 7.94 -16.45
C TYR A 45 -18.95 8.30 -15.02
N ALA A 46 -18.72 9.59 -14.83
CA ALA A 46 -18.38 10.16 -13.53
C ALA A 46 -19.29 11.37 -13.37
N TRP A 47 -19.67 11.67 -12.12
CA TRP A 47 -20.51 12.82 -11.84
C TRP A 47 -19.86 13.71 -10.80
N ASP A 48 -19.87 15.01 -11.10
CA ASP A 48 -19.35 16.11 -10.29
C ASP A 48 -20.18 16.31 -9.03
N VAL A 49 -19.63 17.05 -8.07
CA VAL A 49 -20.37 17.38 -6.86
C VAL A 49 -21.29 18.53 -7.31
N ASP A 50 -21.02 19.05 -8.50
CA ASP A 50 -21.82 20.14 -9.07
C ASP A 50 -22.91 19.60 -9.98
N GLY A 51 -22.93 18.29 -10.18
CA GLY A 51 -23.95 17.68 -11.02
C GLY A 51 -23.53 17.41 -12.45
N ASN A 52 -22.36 17.90 -12.84
CA ASN A 52 -21.88 17.66 -14.19
C ASN A 52 -21.58 16.18 -14.41
N ARG A 53 -21.95 15.68 -15.58
CA ARG A 53 -21.69 14.29 -15.91
C ARG A 53 -20.54 14.24 -16.92
N TYR A 54 -19.70 13.22 -16.84
CA TYR A 54 -18.58 13.08 -17.77
C TYR A 54 -18.41 11.67 -18.29
N ILE A 55 -17.92 11.55 -19.52
CA ILE A 55 -17.60 10.26 -20.09
C ILE A 55 -16.14 10.19 -19.65
N ASP A 56 -15.88 9.23 -18.78
CA ASP A 56 -14.59 9.02 -18.14
C ASP A 56 -13.58 8.16 -18.89
N TYR A 57 -12.42 8.74 -19.20
CA TYR A 57 -11.35 8.03 -19.90
C TYR A 57 -10.13 7.89 -18.99
N VAL A 58 -10.38 7.98 -17.69
CA VAL A 58 -9.32 7.81 -16.68
C VAL A 58 -9.57 6.49 -15.96
N GLY A 59 -10.85 6.12 -15.81
CA GLY A 59 -11.20 4.86 -15.15
C GLY A 59 -10.44 4.66 -13.84
N THR A 60 -10.44 5.71 -13.03
CA THR A 60 -9.73 5.77 -11.75
C THR A 60 -8.28 5.31 -11.92
N TRP A 61 -7.74 5.63 -13.09
CA TRP A 61 -6.37 5.34 -13.47
C TRP A 61 -6.05 3.90 -13.80
N GLY A 62 -7.02 3.21 -14.41
CA GLY A 62 -6.80 1.82 -14.81
C GLY A 62 -7.66 0.71 -14.24
N PRO A 63 -7.97 0.71 -12.93
CA PRO A 63 -8.78 -0.35 -12.33
C PRO A 63 -10.15 -0.62 -12.97
N ALA A 64 -10.85 0.44 -13.36
CA ALA A 64 -12.20 0.32 -13.92
C ALA A 64 -12.34 -0.17 -15.37
N ILE A 65 -11.58 -1.20 -15.74
CA ILE A 65 -11.64 -1.72 -17.09
C ILE A 65 -13.01 -2.35 -17.41
N CYS A 66 -13.72 -2.84 -16.40
CA CYS A 66 -15.04 -3.43 -16.62
C CYS A 66 -16.13 -2.37 -16.49
N GLY A 67 -15.72 -1.13 -16.31
CA GLY A 67 -16.67 -0.05 -16.13
C GLY A 67 -16.72 0.21 -14.64
N HIS A 68 -17.15 1.41 -14.26
CA HIS A 68 -17.24 1.79 -12.84
C HIS A 68 -18.39 1.06 -12.14
N ALA A 69 -18.19 0.73 -10.87
CA ALA A 69 -19.21 0.07 -10.07
C ALA A 69 -19.98 -0.99 -10.83
N HIS A 70 -19.27 -1.94 -11.44
CA HIS A 70 -19.92 -3.01 -12.18
C HIS A 70 -20.86 -3.72 -11.21
N PRO A 71 -22.14 -3.87 -11.59
CA PRO A 71 -23.11 -4.54 -10.72
C PRO A 71 -22.67 -5.89 -10.15
N GLU A 72 -22.02 -6.71 -10.96
CA GLU A 72 -21.58 -8.01 -10.47
C GLU A 72 -20.46 -7.89 -9.45
N VAL A 73 -19.62 -6.87 -9.61
CA VAL A 73 -18.53 -6.64 -8.66
C VAL A 73 -19.12 -6.12 -7.35
N ILE A 74 -20.04 -5.16 -7.45
CA ILE A 74 -20.68 -4.59 -6.28
C ILE A 74 -21.39 -5.69 -5.50
N GLU A 75 -22.14 -6.53 -6.22
CA GLU A 75 -22.87 -7.62 -5.60
C GLU A 75 -21.92 -8.58 -4.88
N ALA A 76 -20.81 -8.90 -5.53
CA ALA A 76 -19.82 -9.80 -4.94
C ALA A 76 -19.27 -9.20 -3.65
N LEU A 77 -19.02 -7.89 -3.67
CA LEU A 77 -18.49 -7.22 -2.49
C LEU A 77 -19.51 -7.18 -1.35
N LYS A 78 -20.76 -6.88 -1.67
CA LYS A 78 -21.79 -6.84 -0.63
C LYS A 78 -21.92 -8.18 0.08
N VAL A 79 -21.93 -9.27 -0.69
CA VAL A 79 -22.02 -10.59 -0.07
C VAL A 79 -20.78 -10.86 0.78
N ALA A 80 -19.60 -10.57 0.24
CA ALA A 80 -18.35 -10.81 0.94
C ALA A 80 -18.14 -10.01 2.23
N MET A 81 -18.48 -8.73 2.24
CA MET A 81 -18.25 -7.95 3.44
C MET A 81 -19.05 -8.40 4.65
N GLU A 82 -20.11 -9.17 4.44
CA GLU A 82 -20.89 -9.67 5.56
C GLU A 82 -20.04 -10.65 6.39
N LYS A 83 -18.99 -11.17 5.78
CA LYS A 83 -18.11 -12.13 6.47
C LYS A 83 -16.90 -11.46 7.10
N GLY A 84 -16.87 -10.12 7.07
CA GLY A 84 -15.74 -9.39 7.63
C GLY A 84 -14.88 -8.84 6.50
N THR A 85 -14.30 -7.66 6.70
CA THR A 85 -13.48 -7.06 5.65
C THR A 85 -12.00 -7.43 5.66
N SER A 86 -11.51 -7.89 6.80
CA SER A 86 -10.10 -8.27 6.90
C SER A 86 -9.93 -9.36 7.96
N PHE A 87 -9.12 -10.37 7.65
CA PHE A 87 -8.90 -11.48 8.58
C PHE A 87 -7.54 -11.44 9.27
N GLY A 88 -6.48 -11.19 8.51
CA GLY A 88 -5.16 -11.17 9.10
C GLY A 88 -4.67 -12.60 9.19
N ALA A 89 -5.33 -13.47 8.46
CA ALA A 89 -5.00 -14.89 8.42
C ALA A 89 -5.34 -15.36 7.01
N PRO A 90 -4.86 -16.54 6.62
CA PRO A 90 -5.14 -17.08 5.29
C PRO A 90 -6.64 -17.32 5.05
N CYS A 91 -7.08 -17.16 3.81
CA CYS A 91 -8.47 -17.45 3.47
C CYS A 91 -8.48 -18.09 2.07
N ALA A 92 -9.52 -18.87 1.78
CA ALA A 92 -9.63 -19.57 0.51
C ALA A 92 -9.53 -18.65 -0.70
N LEU A 93 -10.07 -17.43 -0.58
CA LEU A 93 -10.05 -16.46 -1.67
C LEU A 93 -8.66 -16.15 -2.22
N GLU A 94 -7.66 -16.13 -1.34
CA GLU A 94 -6.30 -15.85 -1.78
C GLU A 94 -5.84 -16.93 -2.76
N ASN A 95 -6.16 -18.18 -2.46
CA ASN A 95 -5.77 -19.30 -3.34
C ASN A 95 -6.41 -19.13 -4.71
N VAL A 96 -7.69 -18.78 -4.73
CA VAL A 96 -8.40 -18.59 -5.98
C VAL A 96 -7.76 -17.50 -6.85
N LEU A 97 -7.53 -16.31 -6.28
CA LEU A 97 -6.92 -15.23 -7.06
C LEU A 97 -5.49 -15.60 -7.46
N ALA A 98 -4.77 -16.25 -6.56
CA ALA A 98 -3.40 -16.65 -6.88
C ALA A 98 -3.41 -17.55 -8.12
N GLU A 99 -4.28 -18.56 -8.12
CA GLU A 99 -4.36 -19.47 -9.25
C GLU A 99 -4.72 -18.75 -10.53
N MET A 100 -5.67 -17.82 -10.45
CA MET A 100 -6.09 -17.07 -11.61
C MET A 100 -4.96 -16.24 -12.19
N VAL A 101 -4.18 -15.59 -11.33
CA VAL A 101 -3.06 -14.77 -11.79
C VAL A 101 -2.00 -15.66 -12.43
N ASN A 102 -1.63 -16.75 -11.75
CA ASN A 102 -0.65 -17.67 -12.27
C ASN A 102 -1.04 -18.15 -13.66
N ASP A 103 -2.29 -18.57 -13.83
CA ASP A 103 -2.74 -19.06 -15.12
C ASP A 103 -2.78 -17.98 -16.19
N ALA A 104 -3.09 -16.75 -15.77
CA ALA A 104 -3.19 -15.64 -16.70
C ALA A 104 -1.89 -15.04 -17.22
N VAL A 105 -0.92 -14.87 -16.31
CA VAL A 105 0.36 -14.26 -16.66
C VAL A 105 1.49 -15.27 -16.89
N PRO A 106 2.03 -15.30 -18.12
CA PRO A 106 3.11 -16.20 -18.53
C PRO A 106 4.28 -16.41 -17.57
N SER A 107 4.92 -15.32 -17.15
CA SER A 107 6.08 -15.41 -16.26
C SER A 107 5.80 -15.77 -14.81
N ILE A 108 4.54 -15.67 -14.41
CA ILE A 108 4.20 -15.94 -13.02
C ILE A 108 3.87 -17.40 -12.70
N GLU A 109 4.70 -18.00 -11.85
CA GLU A 109 4.48 -19.39 -11.42
C GLU A 109 4.13 -19.38 -9.94
N MET A 110 4.51 -18.31 -9.27
CA MET A 110 4.22 -18.14 -7.84
C MET A 110 3.99 -16.64 -7.68
N VAL A 111 3.05 -16.26 -6.81
CA VAL A 111 2.72 -14.85 -6.63
C VAL A 111 2.51 -14.45 -5.18
N ARG A 112 2.80 -13.19 -4.87
CA ARG A 112 2.62 -12.65 -3.53
C ARG A 112 1.77 -11.38 -3.66
N PHE A 113 0.66 -11.34 -2.95
CA PHE A 113 -0.23 -10.17 -3.00
C PHE A 113 0.23 -9.11 -2.02
N VAL A 114 0.05 -7.85 -2.42
CA VAL A 114 0.39 -6.69 -1.60
C VAL A 114 -0.75 -5.69 -1.74
N ASN A 115 -0.58 -4.46 -1.26
CA ASN A 115 -1.67 -3.51 -1.32
C ASN A 115 -1.63 -2.40 -2.36
N SER A 116 -0.59 -2.37 -3.19
CA SER A 116 -0.49 -1.33 -4.20
C SER A 116 0.61 -1.66 -5.19
N GLY A 117 0.68 -0.88 -6.26
CA GLY A 117 1.71 -1.08 -7.26
C GLY A 117 3.04 -0.65 -6.66
N THR A 118 3.00 0.34 -5.78
CA THR A 118 4.21 0.83 -5.14
C THR A 118 4.86 -0.27 -4.29
N GLU A 119 4.05 -0.96 -3.48
CA GLU A 119 4.57 -2.03 -2.65
C GLU A 119 5.10 -3.16 -3.52
N ALA A 120 4.39 -3.50 -4.59
CA ALA A 120 4.82 -4.57 -5.49
C ALA A 120 6.18 -4.23 -6.11
N CYS A 121 6.31 -2.99 -6.56
CA CYS A 121 7.56 -2.56 -7.17
C CYS A 121 8.69 -2.49 -6.14
N MET A 122 8.38 -2.10 -4.90
CA MET A 122 9.39 -2.05 -3.84
C MET A 122 9.97 -3.45 -3.62
N ALA A 123 9.06 -4.42 -3.51
CA ALA A 123 9.42 -5.81 -3.27
C ALA A 123 10.23 -6.41 -4.41
N VAL A 124 9.75 -6.24 -5.63
CA VAL A 124 10.44 -6.79 -6.78
C VAL A 124 11.84 -6.21 -6.92
N LEU A 125 12.00 -4.95 -6.53
CA LEU A 125 13.31 -4.31 -6.61
C LEU A 125 14.21 -5.02 -5.61
N ARG A 126 13.68 -5.24 -4.40
CA ARG A 126 14.45 -5.91 -3.39
C ARG A 126 14.76 -7.36 -3.77
N ILE A 127 13.79 -8.05 -4.38
CA ILE A 127 13.99 -9.43 -4.79
C ILE A 127 15.04 -9.56 -5.89
N MET A 128 15.02 -8.64 -6.86
CA MET A 128 15.99 -8.65 -7.95
C MET A 128 17.42 -8.62 -7.41
N ARG A 129 17.63 -7.77 -6.41
CA ARG A 129 18.96 -7.63 -5.83
C ARG A 129 19.36 -8.79 -4.95
N ALA A 130 18.41 -9.31 -4.18
CA ALA A 130 18.69 -10.43 -3.31
C ALA A 130 18.97 -11.69 -4.12
N TYR A 131 18.23 -11.88 -5.20
CA TYR A 131 18.41 -13.07 -6.04
C TYR A 131 19.72 -13.07 -6.83
N THR A 132 20.11 -11.92 -7.37
CA THR A 132 21.34 -11.83 -8.17
C THR A 132 22.57 -11.47 -7.35
N GLY A 133 22.36 -10.87 -6.18
CA GLY A 133 23.48 -10.48 -5.34
C GLY A 133 24.11 -9.19 -5.83
N ARG A 134 23.44 -8.52 -6.77
CA ARG A 134 23.92 -7.26 -7.34
C ARG A 134 23.05 -6.11 -6.83
N ASP A 135 23.61 -4.90 -6.74
CA ASP A 135 22.86 -3.77 -6.23
C ASP A 135 22.30 -2.78 -7.25
N LYS A 136 22.84 -2.80 -8.46
CA LYS A 136 22.41 -1.87 -9.51
C LYS A 136 21.19 -2.33 -10.30
N ILE A 137 20.35 -1.36 -10.65
CA ILE A 137 19.14 -1.61 -11.43
C ILE A 137 19.13 -0.62 -12.59
N ILE A 138 18.55 -1.03 -13.72
CA ILE A 138 18.43 -0.17 -14.88
C ILE A 138 16.95 0.15 -15.09
N LYS A 139 16.61 1.43 -15.16
CA LYS A 139 15.24 1.84 -15.43
C LYS A 139 15.29 2.86 -16.55
N PHE A 140 14.15 3.11 -17.19
CA PHE A 140 14.09 4.05 -18.31
C PHE A 140 13.52 5.40 -17.93
N GLU A 141 14.03 6.44 -18.57
CA GLU A 141 13.58 7.81 -18.31
C GLU A 141 12.12 7.96 -18.71
N GLY A 142 11.30 8.46 -17.80
CA GLY A 142 9.89 8.63 -18.10
C GLY A 142 9.01 7.52 -17.53
N CYS A 143 9.61 6.38 -17.19
CA CYS A 143 8.84 5.29 -16.61
C CYS A 143 8.64 5.55 -15.13
N TYR A 144 7.55 5.06 -14.56
CA TYR A 144 7.27 5.27 -13.14
C TYR A 144 6.93 3.93 -12.51
N HIS A 145 7.54 3.62 -11.37
CA HIS A 145 7.30 2.34 -10.70
C HIS A 145 6.94 2.51 -9.22
N GLY A 146 6.14 3.55 -8.93
CA GLY A 146 5.76 3.80 -7.55
C GLY A 146 6.77 4.76 -6.97
N HIS A 147 6.61 5.13 -5.71
CA HIS A 147 7.53 6.09 -5.09
C HIS A 147 8.65 5.52 -4.20
N ALA A 148 9.01 4.26 -4.37
CA ALA A 148 10.11 3.71 -3.58
C ALA A 148 11.34 4.55 -3.96
N ASP A 149 12.13 4.92 -2.96
CA ASP A 149 13.34 5.73 -3.13
C ASP A 149 14.16 5.56 -4.40
N MET A 150 14.58 4.33 -4.70
CA MET A 150 15.40 4.11 -5.89
C MET A 150 14.72 4.37 -7.22
N PHE A 151 13.40 4.47 -7.20
CA PHE A 151 12.62 4.74 -8.41
C PHE A 151 12.45 6.23 -8.71
N LEU A 152 12.69 7.06 -7.71
CA LEU A 152 12.56 8.51 -7.86
C LEU A 152 13.74 9.11 -8.63
N VAL A 153 13.98 8.58 -9.81
CA VAL A 153 15.06 9.03 -10.69
C VAL A 153 14.52 9.08 -12.11
N LYS A 154 14.51 10.27 -12.72
CA LYS A 154 14.00 10.45 -14.07
C LYS A 154 12.66 9.73 -14.22
N ALA A 155 11.79 9.93 -13.24
CA ALA A 155 10.48 9.29 -13.22
C ALA A 155 9.40 10.04 -14.00
N GLY A 156 8.36 9.32 -14.38
CA GLY A 156 7.26 9.88 -15.11
C GLY A 156 6.05 10.13 -14.24
N SER A 157 4.86 10.03 -14.84
CA SER A 157 3.62 10.25 -14.11
C SER A 157 3.69 11.64 -13.45
N GLY A 158 3.13 11.76 -12.24
CA GLY A 158 3.15 13.02 -11.53
C GLY A 158 4.47 13.76 -11.54
N VAL A 159 5.57 13.00 -11.53
CA VAL A 159 6.90 13.60 -11.53
C VAL A 159 7.07 14.46 -12.78
N ALA A 160 6.74 13.87 -13.93
CA ALA A 160 6.83 14.56 -15.21
C ALA A 160 5.88 15.75 -15.29
N THR A 161 4.61 15.50 -15.00
CA THR A 161 3.60 16.55 -15.04
C THR A 161 4.00 17.78 -14.23
N LEU A 162 4.49 17.56 -13.01
CA LEU A 162 4.88 18.66 -12.14
C LEU A 162 6.25 19.25 -12.46
N GLY A 163 7.00 18.61 -13.35
CA GLY A 163 8.31 19.10 -13.73
C GLY A 163 9.30 19.25 -12.61
N LEU A 164 9.28 18.33 -11.65
CA LEU A 164 10.20 18.39 -10.53
C LEU A 164 11.44 17.55 -10.84
N PRO A 165 12.55 17.79 -10.13
CA PRO A 165 13.80 17.05 -10.33
C PRO A 165 13.68 15.76 -9.52
N SER A 166 14.66 14.88 -9.62
CA SER A 166 14.63 13.64 -8.84
C SER A 166 14.32 14.09 -7.42
N SER A 167 13.27 13.52 -6.85
CA SER A 167 12.84 13.87 -5.50
C SER A 167 13.92 13.88 -4.43
N PRO A 168 13.81 14.81 -3.45
CA PRO A 168 14.75 14.93 -2.35
C PRO A 168 14.29 14.00 -1.22
N GLY A 169 15.11 13.85 -0.19
CA GLY A 169 14.74 12.96 0.89
C GLY A 169 15.36 11.59 0.71
N VAL A 170 15.90 11.32 -0.47
CA VAL A 170 16.55 10.03 -0.72
C VAL A 170 18.07 10.25 -0.70
N PRO A 171 18.78 9.50 0.16
CA PRO A 171 20.24 9.60 0.29
C PRO A 171 20.99 9.42 -1.01
N LYS A 172 22.16 10.04 -1.10
CA LYS A 172 22.99 9.94 -2.29
C LYS A 172 23.34 8.48 -2.59
N LYS A 173 23.74 7.75 -1.55
CA LYS A 173 24.11 6.34 -1.69
C LYS A 173 23.06 5.49 -2.39
N THR A 174 21.79 5.66 -2.05
CA THR A 174 20.75 4.86 -2.68
C THR A 174 20.52 5.23 -4.14
N THR A 175 20.51 6.53 -4.42
CA THR A 175 20.28 7.02 -5.78
C THR A 175 21.36 6.54 -6.75
N ALA A 176 22.57 6.38 -6.25
CA ALA A 176 23.69 5.92 -7.09
C ALA A 176 23.45 4.51 -7.64
N ASN A 177 22.54 3.78 -7.02
CA ASN A 177 22.22 2.41 -7.45
C ASN A 177 21.26 2.32 -8.63
N THR A 178 20.78 3.46 -9.12
CA THR A 178 19.85 3.45 -10.23
C THR A 178 20.41 4.04 -11.52
N LEU A 179 20.63 3.19 -12.51
CA LEU A 179 21.13 3.62 -13.80
C LEU A 179 19.93 3.85 -14.69
N THR A 180 19.93 4.95 -15.43
CA THR A 180 18.83 5.28 -16.31
C THR A 180 19.27 5.31 -17.75
N THR A 181 18.30 5.12 -18.63
CA THR A 181 18.53 5.14 -20.06
C THR A 181 17.24 5.51 -20.78
N PRO A 182 17.33 6.02 -22.00
CA PRO A 182 16.11 6.39 -22.72
C PRO A 182 15.33 5.15 -23.16
N TYR A 183 14.01 5.19 -23.04
CA TYR A 183 13.18 4.07 -23.45
C TYR A 183 13.45 3.83 -24.94
N ASN A 184 13.28 2.60 -25.39
CA ASN A 184 13.50 2.25 -26.80
C ASN A 184 14.95 2.44 -27.25
N ASP A 185 15.87 2.54 -26.29
CA ASP A 185 17.29 2.71 -26.63
C ASP A 185 18.11 1.49 -26.18
N LEU A 186 18.20 0.47 -27.02
CA LEU A 186 18.95 -0.72 -26.67
C LEU A 186 20.44 -0.44 -26.51
N GLU A 187 20.98 0.41 -27.38
CA GLU A 187 22.40 0.73 -27.31
C GLU A 187 22.80 1.37 -25.99
N ALA A 188 21.94 2.20 -25.44
CA ALA A 188 22.22 2.85 -24.16
C ALA A 188 22.23 1.79 -23.05
N VAL A 189 21.40 0.76 -23.22
CA VAL A 189 21.32 -0.29 -22.21
C VAL A 189 22.58 -1.15 -22.21
N LYS A 190 23.07 -1.49 -23.40
CA LYS A 190 24.29 -2.29 -23.51
C LYS A 190 25.45 -1.56 -22.86
N ALA A 191 25.52 -0.25 -23.11
CA ALA A 191 26.60 0.58 -22.55
C ALA A 191 26.58 0.56 -21.04
N LEU A 192 25.39 0.55 -20.46
CA LEU A 192 25.28 0.51 -19.01
C LEU A 192 25.85 -0.78 -18.45
N PHE A 193 25.59 -1.90 -19.12
CA PHE A 193 26.11 -3.19 -18.67
C PHE A 193 27.64 -3.20 -18.81
N ALA A 194 28.12 -2.70 -19.95
CA ALA A 194 29.55 -2.66 -20.21
C ALA A 194 30.28 -1.81 -19.17
N GLU A 195 29.66 -0.72 -18.74
CA GLU A 195 30.28 0.17 -17.75
C GLU A 195 30.11 -0.29 -16.32
N ASN A 196 29.30 -1.34 -16.11
CA ASN A 196 29.07 -1.85 -14.75
C ASN A 196 29.01 -3.37 -14.75
N PRO A 197 30.07 -4.02 -15.27
CA PRO A 197 30.11 -5.48 -15.32
C PRO A 197 29.92 -6.15 -13.95
N GLY A 198 28.91 -7.02 -13.86
CA GLY A 198 28.65 -7.73 -12.63
C GLY A 198 27.94 -6.96 -11.52
N GLU A 199 27.41 -5.79 -11.85
CA GLU A 199 26.73 -4.98 -10.85
C GLU A 199 25.23 -4.78 -11.10
N ILE A 200 24.76 -5.14 -12.30
CA ILE A 200 23.36 -4.95 -12.65
C ILE A 200 22.45 -6.13 -12.28
N ALA A 201 21.60 -5.93 -11.28
CA ALA A 201 20.66 -6.96 -10.84
C ALA A 201 19.67 -7.26 -11.96
N GLY A 202 19.30 -6.22 -12.71
CA GLY A 202 18.36 -6.42 -13.80
C GLY A 202 17.80 -5.14 -14.39
N VAL A 203 16.88 -5.30 -15.36
CA VAL A 203 16.24 -4.17 -16.02
C VAL A 203 14.73 -4.21 -15.77
N ILE A 204 14.18 -3.09 -15.29
CA ILE A 204 12.74 -3.02 -15.04
C ILE A 204 12.15 -1.94 -15.95
N LEU A 205 10.95 -2.17 -16.46
CA LEU A 205 10.31 -1.20 -17.36
C LEU A 205 8.83 -1.49 -17.55
N GLU A 206 8.11 -0.50 -18.08
CA GLU A 206 6.70 -0.66 -18.41
C GLU A 206 6.81 -1.25 -19.82
N PRO A 207 6.40 -2.51 -20.04
CA PRO A 207 6.49 -3.13 -21.37
C PRO A 207 5.83 -2.25 -22.45
N ILE A 208 4.84 -1.48 -22.03
CA ILE A 208 4.19 -0.47 -22.87
C ILE A 208 4.10 0.66 -21.87
N VAL A 209 4.54 1.85 -22.25
CA VAL A 209 4.54 2.97 -21.34
C VAL A 209 3.22 3.71 -21.25
N GLY A 210 2.91 4.18 -20.05
CA GLY A 210 1.69 4.94 -19.84
C GLY A 210 1.97 6.18 -19.01
N ASN A 211 3.17 6.27 -18.43
CA ASN A 211 3.54 7.38 -17.56
C ASN A 211 4.33 8.57 -18.13
N SER A 212 4.61 8.55 -19.43
CA SER A 212 5.27 9.67 -20.06
C SER A 212 4.46 9.77 -21.34
N GLY A 213 3.17 9.57 -21.17
CA GLY A 213 2.26 9.55 -22.29
C GLY A 213 2.27 8.11 -22.76
N PHE A 214 1.46 7.78 -23.75
CA PHE A 214 1.40 6.42 -24.27
C PHE A 214 2.57 6.16 -25.22
N ILE A 215 3.37 5.14 -24.94
CA ILE A 215 4.51 4.80 -25.78
C ILE A 215 4.66 3.29 -25.91
N VAL A 216 4.63 2.80 -27.13
CA VAL A 216 4.77 1.37 -27.40
C VAL A 216 6.25 1.07 -27.67
N PRO A 217 6.70 -0.15 -27.39
CA PRO A 217 8.12 -0.46 -27.64
C PRO A 217 8.37 -0.64 -29.14
N ASP A 218 9.53 -0.18 -29.60
CA ASP A 218 9.86 -0.33 -31.02
C ASP A 218 10.04 -1.81 -31.33
N ALA A 219 10.04 -2.14 -32.62
CA ALA A 219 10.24 -3.52 -33.02
C ALA A 219 11.59 -3.96 -32.48
N GLY A 220 11.63 -5.12 -31.83
CA GLY A 220 12.86 -5.64 -31.29
C GLY A 220 13.35 -5.12 -29.94
N PHE A 221 12.71 -4.08 -29.40
CA PHE A 221 13.15 -3.53 -28.12
C PHE A 221 12.97 -4.51 -26.95
N LEU A 222 11.76 -5.02 -26.75
CA LEU A 222 11.54 -5.96 -25.65
C LEU A 222 12.39 -7.22 -25.87
N GLU A 223 12.45 -7.70 -27.11
CA GLU A 223 13.24 -8.89 -27.42
C GLU A 223 14.70 -8.64 -27.07
N GLY A 224 15.22 -7.49 -27.47
CA GLY A 224 16.60 -7.14 -27.18
C GLY A 224 16.89 -7.15 -25.70
N LEU A 225 16.05 -6.47 -24.93
CA LEU A 225 16.23 -6.41 -23.49
C LEU A 225 16.25 -7.83 -22.91
N ARG A 226 15.40 -8.70 -23.44
CA ARG A 226 15.38 -10.07 -22.94
C ARG A 226 16.72 -10.73 -23.23
N GLU A 227 17.19 -10.53 -24.46
CA GLU A 227 18.45 -11.12 -24.89
C GLU A 227 19.64 -10.66 -24.06
N ILE A 228 19.81 -9.35 -23.90
CA ILE A 228 20.95 -8.87 -23.15
C ILE A 228 20.90 -9.16 -21.66
N THR A 229 19.71 -9.18 -21.05
CA THR A 229 19.64 -9.47 -19.63
C THR A 229 20.10 -10.92 -19.43
N LEU A 230 19.66 -11.81 -20.32
CA LEU A 230 20.06 -13.22 -20.23
C LEU A 230 21.58 -13.32 -20.41
N GLU A 231 22.10 -12.56 -21.37
CA GLU A 231 23.53 -12.56 -21.64
C GLU A 231 24.38 -12.28 -20.41
N HIS A 232 23.95 -11.30 -19.62
CA HIS A 232 24.68 -10.92 -18.42
C HIS A 232 24.11 -11.47 -17.12
N ASP A 233 23.29 -12.52 -17.22
CA ASP A 233 22.68 -13.13 -16.05
C ASP A 233 21.94 -12.13 -15.16
N ALA A 234 21.30 -11.16 -15.79
CA ALA A 234 20.53 -10.16 -15.09
C ALA A 234 19.05 -10.49 -15.31
N LEU A 235 18.19 -9.96 -14.44
CA LEU A 235 16.76 -10.22 -14.54
C LEU A 235 16.07 -9.17 -15.40
N LEU A 236 14.98 -9.58 -16.05
CA LEU A 236 14.17 -8.69 -16.87
C LEU A 236 12.85 -8.62 -16.11
N VAL A 237 12.49 -7.42 -15.66
CA VAL A 237 11.26 -7.24 -14.90
C VAL A 237 10.25 -6.33 -15.58
N PHE A 238 9.04 -6.85 -15.79
CA PHE A 238 7.98 -6.08 -16.41
C PHE A 238 7.05 -5.49 -15.36
N ASP A 239 6.91 -4.18 -15.36
CA ASP A 239 6.01 -3.51 -14.44
C ASP A 239 4.70 -3.42 -15.20
N GLU A 240 3.82 -4.39 -14.99
CA GLU A 240 2.55 -4.38 -15.69
C GLU A 240 1.42 -3.93 -14.77
N VAL A 241 1.71 -2.95 -13.90
CA VAL A 241 0.70 -2.44 -12.98
C VAL A 241 -0.44 -1.84 -13.80
N ILE A 242 -0.09 -1.13 -14.87
CA ILE A 242 -1.11 -0.54 -15.74
C ILE A 242 -1.52 -1.52 -16.85
N THR A 243 -0.52 -2.06 -17.55
CA THR A 243 -0.80 -2.97 -18.67
C THR A 243 -1.38 -4.34 -18.34
N GLY A 244 -1.09 -4.85 -17.16
CA GLY A 244 -1.62 -6.15 -16.79
C GLY A 244 -3.13 -6.19 -16.90
N PHE A 245 -3.65 -7.22 -17.58
CA PHE A 245 -5.09 -7.42 -17.78
C PHE A 245 -5.81 -6.36 -18.64
N ARG A 246 -5.07 -5.37 -19.13
CA ARG A 246 -5.65 -4.32 -19.96
C ARG A 246 -5.21 -4.49 -21.42
N ILE A 247 -3.90 -4.61 -21.64
CA ILE A 247 -3.38 -4.80 -22.98
C ILE A 247 -3.86 -6.15 -23.52
N ALA A 248 -3.97 -7.12 -22.62
CA ALA A 248 -4.42 -8.47 -22.95
C ALA A 248 -4.61 -9.16 -21.60
N TYR A 249 -5.30 -10.30 -21.59
CA TYR A 249 -5.52 -11.00 -20.33
C TYR A 249 -4.19 -11.32 -19.67
N GLY A 250 -3.20 -11.64 -20.50
CA GLY A 250 -1.87 -11.95 -19.99
C GLY A 250 -0.94 -10.76 -20.05
N GLY A 251 -1.50 -9.59 -20.28
CA GLY A 251 -0.69 -8.38 -20.34
C GLY A 251 0.20 -8.29 -21.57
N VAL A 252 1.12 -7.35 -21.56
CA VAL A 252 2.03 -7.17 -22.69
C VAL A 252 2.90 -8.40 -22.94
N GLN A 253 3.44 -9.00 -21.89
CA GLN A 253 4.30 -10.16 -22.08
C GLN A 253 3.59 -11.22 -22.91
N GLU A 254 2.29 -11.39 -22.72
CA GLU A 254 1.55 -12.39 -23.49
C GLU A 254 1.29 -11.93 -24.92
N LYS A 255 0.79 -10.70 -25.07
CA LYS A 255 0.48 -10.19 -26.39
C LYS A 255 1.68 -10.06 -27.31
N PHE A 256 2.79 -9.55 -26.78
CA PHE A 256 3.99 -9.37 -27.59
C PHE A 256 4.96 -10.54 -27.54
N GLY A 257 4.58 -11.60 -26.83
CA GLY A 257 5.42 -12.77 -26.74
C GLY A 257 6.82 -12.68 -26.15
N VAL A 258 6.99 -11.89 -25.10
CA VAL A 258 8.28 -11.78 -24.43
C VAL A 258 8.03 -12.07 -22.96
N THR A 259 8.71 -13.07 -22.44
CA THR A 259 8.54 -13.47 -21.05
C THR A 259 9.63 -12.95 -20.11
N PRO A 260 9.24 -12.10 -19.15
CA PRO A 260 10.22 -11.57 -18.20
C PRO A 260 10.42 -12.62 -17.10
N ASP A 261 11.31 -12.31 -16.16
CA ASP A 261 11.58 -13.22 -15.05
C ASP A 261 10.67 -12.90 -13.86
N LEU A 262 10.25 -11.65 -13.80
CA LEU A 262 9.39 -11.14 -12.73
C LEU A 262 8.46 -10.07 -13.27
N THR A 263 7.25 -9.97 -12.72
CA THR A 263 6.35 -8.89 -13.15
C THR A 263 5.53 -8.39 -11.96
N THR A 264 5.22 -7.11 -11.99
CA THR A 264 4.45 -6.48 -10.93
C THR A 264 3.06 -6.22 -11.48
N LEU A 265 2.07 -6.35 -10.61
CA LEU A 265 0.68 -6.15 -11.01
C LEU A 265 0.02 -5.21 -10.03
N GLY A 266 -1.07 -4.60 -10.47
CA GLY A 266 -1.81 -3.69 -9.64
C GLY A 266 -3.10 -3.30 -10.34
N LYS A 267 -3.64 -2.17 -9.90
CA LYS A 267 -4.87 -1.60 -10.45
C LYS A 267 -5.99 -2.60 -10.73
N ILE A 268 -6.07 -3.10 -11.96
CA ILE A 268 -7.13 -4.03 -12.32
C ILE A 268 -7.29 -5.25 -11.40
N ILE A 269 -6.21 -5.79 -10.87
CA ILE A 269 -6.33 -6.95 -10.01
C ILE A 269 -7.06 -6.66 -8.71
N GLY A 270 -7.23 -5.38 -8.39
CA GLY A 270 -7.94 -4.99 -7.19
C GLY A 270 -9.41 -4.68 -7.47
N GLY A 271 -9.74 -4.60 -8.75
CA GLY A 271 -11.11 -4.32 -9.16
C GLY A 271 -11.70 -3.04 -8.62
N GLY A 272 -10.86 -2.13 -8.14
CA GLY A 272 -11.35 -0.88 -7.61
C GLY A 272 -10.96 -0.68 -6.15
N LEU A 273 -10.37 -1.72 -5.55
CA LEU A 273 -9.90 -1.67 -4.16
C LEU A 273 -8.38 -1.77 -4.18
N PRO A 274 -7.71 -1.31 -3.11
CA PRO A 274 -6.23 -1.36 -3.06
C PRO A 274 -5.64 -2.77 -3.15
N VAL A 275 -5.04 -3.08 -4.29
CA VAL A 275 -4.41 -4.39 -4.49
C VAL A 275 -3.23 -4.36 -5.45
N GLY A 276 -2.18 -5.07 -5.09
CA GLY A 276 -0.99 -5.14 -5.92
C GLY A 276 -0.46 -6.55 -5.78
N ALA A 277 0.51 -6.92 -6.62
CA ALA A 277 1.11 -8.24 -6.54
C ALA A 277 2.35 -8.34 -7.39
N TYR A 278 3.25 -9.24 -6.99
CA TYR A 278 4.46 -9.48 -7.74
C TYR A 278 4.69 -10.98 -7.78
N GLY A 279 5.15 -11.46 -8.94
CA GLY A 279 5.40 -12.87 -9.11
C GLY A 279 6.33 -13.12 -10.28
N GLY A 280 6.62 -14.40 -10.52
CA GLY A 280 7.50 -14.78 -11.60
C GLY A 280 8.00 -16.19 -11.42
N LYS A 281 9.21 -16.45 -11.93
CA LYS A 281 9.81 -17.77 -11.83
C LYS A 281 9.83 -18.28 -10.39
N ARG A 282 9.43 -19.53 -10.23
CA ARG A 282 9.36 -20.16 -8.92
C ARG A 282 10.64 -20.07 -8.09
N GLU A 283 11.78 -20.36 -8.70
CA GLU A 283 13.06 -20.33 -8.00
C GLU A 283 13.44 -18.96 -7.46
N ILE A 284 12.92 -17.90 -8.07
CA ILE A 284 13.21 -16.55 -7.58
C ILE A 284 12.24 -16.21 -6.44
N MET A 285 10.95 -16.52 -6.64
CA MET A 285 9.94 -16.25 -5.63
C MET A 285 10.23 -17.02 -4.35
N GLN A 286 11.03 -18.07 -4.46
CA GLN A 286 11.39 -18.90 -3.31
C GLN A 286 12.12 -18.11 -2.21
N LEU A 287 12.71 -16.98 -2.58
CA LEU A 287 13.43 -16.16 -1.62
C LEU A 287 12.54 -15.30 -0.72
N VAL A 288 11.27 -15.14 -1.10
CA VAL A 288 10.34 -14.32 -0.34
C VAL A 288 9.92 -14.99 0.98
N ALA A 289 9.94 -14.23 2.06
CA ALA A 289 9.56 -14.75 3.37
C ALA A 289 8.08 -15.11 3.35
N PRO A 290 7.68 -16.12 4.12
CA PRO A 290 8.52 -16.96 4.99
C PRO A 290 9.23 -18.13 4.32
N ALA A 291 9.09 -18.25 3.01
CA ALA A 291 9.76 -19.35 2.32
C ALA A 291 11.26 -19.06 2.26
N GLY A 292 11.61 -17.79 2.08
CA GLY A 292 13.00 -17.38 1.99
C GLY A 292 13.37 -16.25 2.93
N PRO A 293 14.62 -15.77 2.88
CA PRO A 293 15.12 -14.69 3.73
C PRO A 293 14.67 -13.26 3.44
N MET A 294 14.05 -13.03 2.29
CA MET A 294 13.61 -11.69 1.95
C MET A 294 12.30 -11.35 2.63
N TYR A 295 12.39 -10.62 3.74
CA TYR A 295 11.20 -10.26 4.50
C TYR A 295 10.38 -9.14 3.89
N GLN A 296 9.13 -9.46 3.60
CA GLN A 296 8.19 -8.51 3.03
C GLN A 296 6.84 -8.89 3.65
N ALA A 297 6.26 -7.96 4.40
CA ALA A 297 4.99 -8.21 5.06
C ALA A 297 3.93 -7.19 4.73
N GLY A 298 2.68 -7.54 5.03
CA GLY A 298 1.57 -6.66 4.75
C GLY A 298 0.36 -7.07 5.55
N THR A 299 0.02 -6.27 6.55
CA THR A 299 -1.13 -6.52 7.43
C THR A 299 -2.43 -6.79 6.67
N LEU A 300 -2.77 -5.87 5.76
CA LEU A 300 -4.01 -5.98 4.99
C LEU A 300 -3.91 -6.79 3.70
N SER A 301 -2.73 -7.31 3.40
CA SER A 301 -2.52 -8.08 2.17
C SER A 301 -3.38 -9.33 2.09
N GLY A 302 -3.97 -9.55 0.92
CA GLY A 302 -4.82 -10.69 0.72
C GLY A 302 -6.14 -10.58 1.46
N ASN A 303 -6.56 -9.36 1.81
CA ASN A 303 -7.83 -9.25 2.55
C ASN A 303 -8.96 -9.75 1.65
N PRO A 304 -9.96 -10.40 2.24
CA PRO A 304 -11.09 -10.95 1.48
C PRO A 304 -11.84 -10.05 0.52
N LEU A 305 -12.02 -8.77 0.85
CA LEU A 305 -12.74 -7.86 -0.04
C LEU A 305 -11.97 -7.62 -1.33
N ALA A 306 -10.69 -7.32 -1.20
CA ALA A 306 -9.83 -7.06 -2.35
C ALA A 306 -9.77 -8.30 -3.24
N MET A 307 -9.59 -9.48 -2.64
CA MET A 307 -9.53 -10.72 -3.41
C MET A 307 -10.84 -10.90 -4.18
N THR A 308 -11.96 -10.72 -3.48
CA THR A 308 -13.29 -10.85 -4.09
C THR A 308 -13.41 -9.97 -5.33
N ALA A 309 -13.07 -8.69 -5.19
CA ALA A 309 -13.16 -7.74 -6.29
C ALA A 309 -12.25 -8.16 -7.44
N GLY A 310 -11.02 -8.54 -7.11
CA GLY A 310 -10.08 -8.97 -8.15
C GLY A 310 -10.58 -10.20 -8.88
N ILE A 311 -11.09 -11.17 -8.13
CA ILE A 311 -11.59 -12.39 -8.73
C ILE A 311 -12.73 -12.13 -9.71
N LYS A 312 -13.73 -11.37 -9.28
CA LYS A 312 -14.86 -11.06 -10.13
C LYS A 312 -14.45 -10.28 -11.39
N THR A 313 -13.51 -9.35 -11.23
CA THR A 313 -13.04 -8.55 -12.36
C THR A 313 -12.39 -9.44 -13.42
N LEU A 314 -11.51 -10.35 -12.99
CA LEU A 314 -10.85 -11.23 -13.95
C LEU A 314 -11.86 -12.19 -14.58
N GLU A 315 -12.84 -12.64 -13.82
CA GLU A 315 -13.85 -13.54 -14.37
C GLU A 315 -14.61 -12.83 -15.49
N LEU A 316 -14.93 -11.55 -15.28
CA LEU A 316 -15.64 -10.78 -16.31
C LEU A 316 -14.74 -10.61 -17.54
N LEU A 317 -13.45 -10.40 -17.31
CA LEU A 317 -12.51 -10.23 -18.41
C LEU A 317 -12.31 -11.51 -19.24
N ARG A 318 -12.70 -12.66 -18.69
CA ARG A 318 -12.54 -13.90 -19.44
C ARG A 318 -13.71 -14.22 -20.37
N GLN A 319 -14.75 -13.39 -20.34
CA GLN A 319 -15.91 -13.61 -21.18
C GLN A 319 -15.55 -13.35 -22.65
N PRO A 320 -16.36 -13.88 -23.58
CA PRO A 320 -16.13 -13.74 -25.03
C PRO A 320 -16.12 -12.32 -25.57
N GLY A 321 -15.13 -12.01 -26.41
CA GLY A 321 -15.03 -10.71 -27.06
C GLY A 321 -14.58 -9.50 -26.26
N THR A 322 -14.19 -9.72 -25.01
CA THR A 322 -13.73 -8.64 -24.14
C THR A 322 -12.65 -7.75 -24.74
N TYR A 323 -11.47 -8.31 -24.99
CA TYR A 323 -10.39 -7.49 -25.53
C TYR A 323 -10.62 -7.03 -26.98
N GLU A 324 -11.38 -7.80 -27.75
CA GLU A 324 -11.68 -7.42 -29.12
C GLU A 324 -12.51 -6.13 -29.07
N TYR A 325 -13.44 -6.08 -28.13
CA TYR A 325 -14.30 -4.91 -27.99
C TYR A 325 -13.46 -3.70 -27.59
N LEU A 326 -12.56 -3.87 -26.63
CA LEU A 326 -11.72 -2.77 -26.21
C LEU A 326 -10.93 -2.21 -27.39
N ASP A 327 -10.33 -3.09 -28.17
CA ASP A 327 -9.53 -2.66 -29.32
C ASP A 327 -10.40 -1.97 -30.37
N GLN A 328 -11.63 -2.46 -30.53
CA GLN A 328 -12.55 -1.91 -31.52
C GLN A 328 -12.92 -0.45 -31.24
N ILE A 329 -13.41 -0.17 -30.03
CA ILE A 329 -13.79 1.20 -29.69
C ILE A 329 -12.60 2.13 -29.49
N THR A 330 -11.49 1.60 -28.98
CA THR A 330 -10.32 2.44 -28.72
C THR A 330 -9.59 2.83 -30.01
N LYS A 331 -9.60 1.94 -30.99
CA LYS A 331 -8.96 2.23 -32.27
C LYS A 331 -9.76 3.34 -32.96
N ARG A 332 -11.09 3.24 -32.88
CA ARG A 332 -11.94 4.25 -33.50
C ARG A 332 -11.75 5.60 -32.80
N LEU A 333 -11.66 5.57 -31.47
CA LEU A 333 -11.47 6.77 -30.68
C LEU A 333 -10.13 7.41 -31.05
N SER A 334 -9.06 6.62 -30.96
CA SER A 334 -7.72 7.11 -31.28
C SER A 334 -7.60 7.63 -32.71
N ASP A 335 -8.09 6.85 -33.67
CA ASP A 335 -8.04 7.25 -35.07
C ASP A 335 -8.84 8.54 -35.28
N GLY A 336 -10.00 8.61 -34.62
CA GLY A 336 -10.84 9.78 -34.74
C GLY A 336 -10.19 11.03 -34.19
N LEU A 337 -9.51 10.88 -33.05
CA LEU A 337 -8.83 12.00 -32.42
C LEU A 337 -7.76 12.57 -33.35
N LEU A 338 -6.99 11.68 -33.97
CA LEU A 338 -5.92 12.10 -34.88
C LEU A 338 -6.48 12.73 -36.15
N ALA A 339 -7.56 12.15 -36.67
CA ALA A 339 -8.17 12.68 -37.88
C ALA A 339 -8.67 14.10 -37.60
N ILE A 340 -9.30 14.28 -36.44
CA ILE A 340 -9.82 15.58 -36.05
C ILE A 340 -8.71 16.61 -35.89
N ALA A 341 -7.62 16.21 -35.27
CA ALA A 341 -6.49 17.13 -35.07
C ALA A 341 -6.01 17.63 -36.42
N GLN A 342 -5.83 16.70 -37.35
CA GLN A 342 -5.34 17.04 -38.69
C GLN A 342 -6.32 17.97 -39.39
N GLU A 343 -7.60 17.64 -39.32
CA GLU A 343 -8.63 18.44 -39.96
C GLU A 343 -8.74 19.84 -39.37
N THR A 344 -8.44 19.97 -38.07
CA THR A 344 -8.51 21.26 -37.42
C THR A 344 -7.17 22.01 -37.40
N GLY A 345 -6.17 21.44 -38.08
CA GLY A 345 -4.87 22.07 -38.18
C GLY A 345 -3.93 22.00 -36.99
N HIS A 346 -4.08 21.00 -36.13
CA HIS A 346 -3.19 20.88 -34.97
C HIS A 346 -2.26 19.69 -35.10
N ALA A 347 -0.97 19.94 -34.89
CA ALA A 347 0.02 18.88 -34.96
C ALA A 347 -0.29 17.88 -33.86
N ALA A 348 -0.30 16.60 -34.20
CA ALA A 348 -0.60 15.58 -33.20
C ALA A 348 -0.21 14.17 -33.64
N CYS A 349 -0.04 13.30 -32.67
CA CYS A 349 0.31 11.92 -32.91
C CYS A 349 -0.19 11.10 -31.73
N GLY A 350 -0.23 9.80 -31.90
CA GLY A 350 -0.70 8.95 -30.81
C GLY A 350 -0.84 7.54 -31.30
N GLY A 351 -1.59 6.75 -30.54
CA GLY A 351 -1.81 5.36 -30.91
C GLY A 351 -2.57 4.67 -29.81
N GLN A 352 -2.80 3.37 -30.00
CA GLN A 352 -3.53 2.59 -29.02
C GLN A 352 -3.31 1.10 -29.25
N VAL A 353 -3.40 0.35 -28.16
CA VAL A 353 -3.26 -1.08 -28.17
C VAL A 353 -4.35 -1.49 -27.18
N SER A 354 -5.32 -2.28 -27.63
CA SER A 354 -6.40 -2.69 -26.75
C SER A 354 -7.04 -1.44 -26.15
N GLY A 355 -7.44 -1.50 -24.89
CA GLY A 355 -8.09 -0.35 -24.27
C GLY A 355 -7.16 0.68 -23.66
N MET A 356 -6.02 0.92 -24.30
CA MET A 356 -5.05 1.89 -23.81
C MET A 356 -4.60 2.76 -24.98
N PHE A 357 -4.66 4.07 -24.81
CA PHE A 357 -4.28 4.97 -25.90
C PHE A 357 -3.54 6.19 -25.42
N GLY A 358 -3.11 6.99 -26.39
CA GLY A 358 -2.39 8.21 -26.09
C GLY A 358 -2.60 9.17 -27.24
N PHE A 359 -2.55 10.46 -26.92
CA PHE A 359 -2.74 11.51 -27.90
C PHE A 359 -1.86 12.69 -27.45
N PHE A 360 -0.85 13.03 -28.26
CA PHE A 360 0.04 14.13 -27.91
C PHE A 360 -0.09 15.29 -28.88
N PHE A 361 0.12 16.51 -28.38
CA PHE A 361 0.07 17.68 -29.24
C PHE A 361 1.48 17.98 -29.75
N THR A 362 1.94 17.15 -30.68
CA THR A 362 3.26 17.27 -31.30
C THR A 362 3.21 16.34 -32.50
N GLU A 363 3.92 16.68 -33.57
CA GLU A 363 3.90 15.85 -34.77
C GLU A 363 4.54 14.50 -34.53
N GLY A 364 5.50 14.44 -33.60
CA GLY A 364 6.17 13.19 -33.30
C GLY A 364 6.91 12.61 -34.49
N PRO A 365 7.00 11.28 -34.61
CA PRO A 365 6.42 10.30 -33.67
C PRO A 365 7.08 10.33 -32.30
N VAL A 366 6.43 9.70 -31.33
CA VAL A 366 6.92 9.64 -29.96
C VAL A 366 7.44 8.25 -29.64
N HIS A 367 8.75 8.15 -29.40
CA HIS A 367 9.38 6.87 -29.08
C HIS A 367 9.93 6.83 -27.67
N ASN A 368 10.04 8.01 -27.04
CA ASN A 368 10.58 8.11 -25.69
C ASN A 368 10.12 9.36 -24.96
N TYR A 369 10.56 9.49 -23.70
CA TYR A 369 10.18 10.62 -22.86
C TYR A 369 10.59 11.96 -23.45
N GLU A 370 11.76 12.01 -24.07
CA GLU A 370 12.23 13.26 -24.66
C GLU A 370 11.27 13.73 -25.75
N ASP A 371 10.91 12.83 -26.65
CA ASP A 371 9.99 13.17 -27.74
C ASP A 371 8.67 13.67 -27.18
N ALA A 372 8.15 12.97 -26.16
CA ALA A 372 6.88 13.33 -25.56
C ALA A 372 6.92 14.74 -24.96
N LYS A 373 8.06 15.10 -24.41
CA LYS A 373 8.21 16.43 -23.81
C LYS A 373 8.18 17.57 -24.83
N LYS A 374 8.08 17.22 -26.12
CA LYS A 374 8.02 18.24 -27.16
C LYS A 374 6.57 18.69 -27.32
N SER A 375 5.67 17.97 -26.65
CA SER A 375 4.24 18.27 -26.70
C SER A 375 3.94 19.68 -26.24
N ASP A 376 3.00 20.34 -26.92
CA ASP A 376 2.61 21.68 -26.55
C ASP A 376 1.69 21.60 -25.33
N LEU A 377 2.29 21.71 -24.15
CA LEU A 377 1.56 21.63 -22.89
C LEU A 377 0.49 22.70 -22.70
N GLN A 378 0.73 23.91 -23.21
CA GLN A 378 -0.25 24.97 -23.06
C GLN A 378 -1.49 24.67 -23.88
N LYS A 379 -1.32 24.07 -25.06
CA LYS A 379 -2.45 23.72 -25.89
C LYS A 379 -3.20 22.56 -25.23
N PHE A 380 -2.46 21.62 -24.66
CA PHE A 380 -3.08 20.47 -23.99
C PHE A 380 -3.96 20.97 -22.84
N SER A 381 -3.45 21.93 -22.08
CA SER A 381 -4.18 22.50 -20.96
C SER A 381 -5.52 23.10 -21.41
N ARG A 382 -5.53 23.77 -22.56
CA ARG A 382 -6.76 24.35 -23.06
C ARG A 382 -7.68 23.24 -23.56
N PHE A 383 -7.10 22.28 -24.27
CA PHE A 383 -7.88 21.15 -24.81
C PHE A 383 -8.59 20.40 -23.68
N HIS A 384 -7.84 20.10 -22.63
CA HIS A 384 -8.40 19.38 -21.49
C HIS A 384 -9.58 20.11 -20.85
N ARG A 385 -9.40 21.39 -20.54
CA ARG A 385 -10.48 22.17 -19.92
C ARG A 385 -11.69 22.23 -20.85
N GLY A 386 -11.43 22.43 -22.13
CA GLY A 386 -12.50 22.48 -23.11
C GLY A 386 -13.27 21.18 -23.15
N MET A 387 -12.57 20.06 -23.07
CA MET A 387 -13.22 18.75 -23.10
C MET A 387 -14.09 18.59 -21.86
N LEU A 388 -13.56 19.04 -20.73
CA LEU A 388 -14.27 18.98 -19.46
C LEU A 388 -15.62 19.66 -19.65
N GLU A 389 -15.58 20.85 -20.25
CA GLU A 389 -16.80 21.62 -20.50
C GLU A 389 -17.76 20.93 -21.46
N GLN A 390 -17.24 20.06 -22.32
CA GLN A 390 -18.07 19.32 -23.26
C GLN A 390 -18.54 17.99 -22.66
N GLY A 391 -18.19 17.75 -21.41
CA GLY A 391 -18.61 16.52 -20.75
C GLY A 391 -17.68 15.33 -20.91
N ILE A 392 -16.40 15.60 -21.15
CA ILE A 392 -15.43 14.52 -21.31
C ILE A 392 -14.34 14.68 -20.27
N TYR A 393 -14.10 13.61 -19.49
CA TYR A 393 -13.08 13.68 -18.45
C TYR A 393 -11.82 12.91 -18.87
N LEU A 394 -10.77 13.66 -19.21
CA LEU A 394 -9.50 13.05 -19.63
C LEU A 394 -8.49 13.18 -18.48
N ALA A 395 -7.42 12.40 -18.56
CA ALA A 395 -6.38 12.46 -17.53
C ALA A 395 -5.86 13.90 -17.54
N PRO A 396 -5.72 14.52 -16.37
CA PRO A 396 -5.23 15.90 -16.30
C PRO A 396 -3.71 16.05 -16.48
N SER A 397 -3.19 15.46 -17.56
CA SER A 397 -1.77 15.53 -17.83
C SER A 397 -1.48 15.00 -19.23
N GLN A 398 -0.53 15.64 -19.90
CA GLN A 398 -0.16 15.20 -21.25
C GLN A 398 0.67 13.92 -21.17
N PHE A 399 1.18 13.63 -19.98
CA PHE A 399 2.03 12.46 -19.80
C PHE A 399 1.37 11.26 -19.12
N GLU A 400 0.08 11.09 -19.38
CA GLU A 400 -0.68 9.97 -18.82
C GLU A 400 -1.50 9.34 -19.93
N ALA A 401 -1.39 8.03 -20.06
CA ALA A 401 -2.16 7.33 -21.08
C ALA A 401 -3.63 7.36 -20.71
N GLY A 402 -4.50 7.27 -21.72
CA GLY A 402 -5.93 7.27 -21.48
C GLY A 402 -6.41 5.83 -21.47
N PHE A 403 -7.57 5.59 -20.88
CA PHE A 403 -8.12 4.24 -20.79
C PHE A 403 -9.59 4.16 -21.17
N THR A 404 -9.98 3.05 -21.79
CA THR A 404 -11.37 2.80 -22.14
C THR A 404 -11.84 1.59 -21.32
N SER A 405 -13.14 1.31 -21.34
CA SER A 405 -13.68 0.19 -20.58
C SER A 405 -14.77 -0.53 -21.36
N LEU A 406 -15.13 -1.71 -20.88
CA LEU A 406 -16.15 -2.52 -21.51
C LEU A 406 -17.50 -1.82 -21.41
N ALA A 407 -17.61 -0.86 -20.50
CA ALA A 407 -18.86 -0.12 -20.31
C ALA A 407 -19.02 1.04 -21.28
N HIS A 408 -17.94 1.42 -21.95
CA HIS A 408 -18.03 2.50 -22.92
C HIS A 408 -18.78 1.96 -24.13
N THR A 409 -19.85 2.63 -24.53
CA THR A 409 -20.63 2.20 -25.68
C THR A 409 -20.18 2.92 -26.94
N GLU A 410 -20.68 2.48 -28.07
CA GLU A 410 -20.34 3.10 -29.34
C GLU A 410 -20.81 4.54 -29.28
N GLU A 411 -21.96 4.74 -28.67
CA GLU A 411 -22.53 6.08 -28.51
C GLU A 411 -21.58 6.96 -27.70
N ASP A 412 -21.03 6.42 -26.62
CA ASP A 412 -20.11 7.18 -25.79
C ASP A 412 -18.92 7.65 -26.63
N ILE A 413 -18.42 6.77 -27.48
CA ILE A 413 -17.28 7.12 -28.33
C ILE A 413 -17.70 8.22 -29.31
N ASP A 414 -18.89 8.09 -29.87
CA ASP A 414 -19.41 9.09 -30.80
C ASP A 414 -19.44 10.46 -30.14
N ALA A 415 -20.00 10.52 -28.94
CA ALA A 415 -20.08 11.78 -28.20
C ALA A 415 -18.71 12.35 -27.90
N THR A 416 -17.76 11.47 -27.61
CA THR A 416 -16.41 11.92 -27.29
C THR A 416 -15.73 12.57 -28.51
N LEU A 417 -15.90 11.96 -29.68
CA LEU A 417 -15.30 12.52 -30.88
C LEU A 417 -15.98 13.84 -31.24
N ALA A 418 -17.29 13.91 -30.99
CA ALA A 418 -18.04 15.13 -31.27
C ALA A 418 -17.48 16.25 -30.41
N ALA A 419 -17.22 15.94 -29.13
CA ALA A 419 -16.67 16.92 -28.22
C ALA A 419 -15.28 17.37 -28.67
N ALA A 420 -14.47 16.41 -29.10
CA ALA A 420 -13.13 16.68 -29.57
C ALA A 420 -13.13 17.62 -30.78
N ARG A 421 -14.11 17.44 -31.66
CA ARG A 421 -14.23 18.29 -32.83
C ARG A 421 -14.53 19.72 -32.37
N THR A 422 -15.53 19.87 -31.52
CA THR A 422 -15.92 21.17 -31.02
C THR A 422 -14.76 21.88 -30.33
N VAL A 423 -14.05 21.17 -29.44
CA VAL A 423 -12.94 21.78 -28.73
C VAL A 423 -11.76 22.12 -29.64
N MET A 424 -11.30 21.16 -30.45
CA MET A 424 -10.18 21.43 -31.33
C MET A 424 -10.45 22.45 -32.43
N SER A 425 -11.72 22.57 -32.84
CA SER A 425 -12.07 23.56 -33.86
C SER A 425 -11.93 24.96 -33.28
N ALA A 426 -12.04 25.07 -31.96
CA ALA A 426 -11.94 26.35 -31.28
C ALA A 426 -10.57 26.61 -30.66
N LEU A 427 -9.70 25.60 -30.62
CA LEU A 427 -8.38 25.77 -30.04
C LEU A 427 -7.59 26.88 -30.72
N PHE B 1 -10.49 -31.68 18.05
CA PHE B 1 -10.14 -30.42 17.32
C PHE B 1 -9.71 -30.76 15.89
N LYS B 2 -10.58 -30.53 14.92
CA LYS B 2 -10.25 -30.83 13.54
C LYS B 2 -9.82 -29.59 12.78
N THR B 3 -8.74 -29.75 12.01
CA THR B 3 -8.19 -28.66 11.21
C THR B 3 -7.93 -29.15 9.80
N ILE B 4 -8.65 -30.20 9.42
CA ILE B 4 -8.51 -30.82 8.10
C ILE B 4 -8.65 -29.85 6.94
N LYS B 5 -9.72 -29.06 6.98
CA LYS B 5 -9.98 -28.08 5.92
C LYS B 5 -8.83 -27.07 5.84
N SER B 6 -8.37 -26.60 7.00
CA SER B 6 -7.26 -25.64 7.02
C SER B 6 -6.00 -26.23 6.42
N ASP B 7 -5.61 -27.41 6.88
CA ASP B 7 -4.40 -28.08 6.37
C ASP B 7 -4.46 -28.23 4.87
N GLU B 8 -5.64 -28.58 4.37
CA GLU B 8 -5.84 -28.78 2.95
C GLU B 8 -5.61 -27.49 2.16
N ILE B 9 -6.32 -26.43 2.56
CA ILE B 9 -6.20 -25.13 1.89
C ILE B 9 -4.78 -24.56 2.02
N PHE B 10 -4.17 -24.71 3.18
CA PHE B 10 -2.83 -24.19 3.38
C PHE B 10 -1.82 -24.96 2.53
N ALA B 11 -1.96 -26.28 2.47
CA ALA B 11 -1.04 -27.08 1.66
C ALA B 11 -1.12 -26.63 0.21
N ALA B 12 -2.33 -26.41 -0.28
CA ALA B 12 -2.49 -25.97 -1.66
C ALA B 12 -1.90 -24.58 -1.85
N ALA B 13 -2.05 -23.73 -0.84
CA ALA B 13 -1.55 -22.36 -0.88
C ALA B 13 -0.04 -22.27 -1.05
N GLN B 14 0.68 -23.16 -0.36
CA GLN B 14 2.14 -23.17 -0.42
C GLN B 14 2.69 -23.42 -1.82
N LYS B 15 1.84 -23.90 -2.71
CA LYS B 15 2.26 -24.17 -4.08
C LYS B 15 1.91 -22.98 -4.97
N LEU B 16 1.17 -22.02 -4.42
CA LEU B 16 0.75 -20.85 -5.21
C LEU B 16 1.40 -19.54 -4.76
N MET B 17 1.70 -19.45 -3.47
CA MET B 17 2.27 -18.23 -2.90
C MET B 17 3.44 -18.57 -1.97
N PRO B 18 4.41 -17.66 -1.85
CA PRO B 18 5.58 -17.88 -0.98
C PRO B 18 5.16 -18.23 0.45
N GLY B 19 5.46 -19.45 0.86
CA GLY B 19 5.11 -19.89 2.20
C GLY B 19 3.62 -20.10 2.35
N GLY B 20 2.89 -19.98 1.25
CA GLY B 20 1.45 -20.17 1.26
C GLY B 20 0.70 -19.06 1.99
N VAL B 21 1.33 -17.89 2.13
CA VAL B 21 0.70 -16.77 2.82
C VAL B 21 0.94 -15.43 2.12
N SER B 22 0.21 -14.39 2.51
CA SER B 22 0.38 -13.07 1.93
C SER B 22 1.26 -12.21 2.84
N SER B 23 1.47 -12.70 4.05
CA SER B 23 2.31 -12.00 5.03
C SER B 23 2.94 -13.08 5.92
N PRO B 24 4.26 -13.02 6.10
CA PRO B 24 5.08 -13.93 6.90
C PRO B 24 4.51 -14.46 8.21
N VAL B 25 4.11 -13.55 9.09
CA VAL B 25 3.59 -13.92 10.39
C VAL B 25 2.46 -14.95 10.32
N ARG B 26 1.73 -14.98 9.21
CA ARG B 26 0.60 -15.89 9.06
C ARG B 26 0.91 -17.37 8.84
N ALA B 27 2.16 -17.70 8.55
CA ALA B 27 2.54 -19.09 8.31
C ALA B 27 2.71 -19.92 9.58
N PHE B 28 2.57 -19.30 10.76
CA PHE B 28 2.69 -20.03 12.03
C PHE B 28 4.05 -20.69 12.24
N LYS B 29 5.06 -20.28 11.47
CA LYS B 29 6.38 -20.89 11.58
C LYS B 29 6.99 -20.96 12.98
N SER B 30 6.80 -19.93 13.77
CA SER B 30 7.37 -19.91 15.12
C SER B 30 6.48 -20.65 16.11
N VAL B 31 5.35 -21.15 15.65
CA VAL B 31 4.45 -21.85 16.55
C VAL B 31 3.99 -23.21 16.03
N GLY B 32 4.85 -23.89 15.28
CA GLY B 32 4.50 -25.21 14.76
C GLY B 32 4.13 -25.30 13.29
N GLY B 33 3.85 -24.16 12.66
CA GLY B 33 3.54 -24.17 11.24
C GLY B 33 2.21 -24.72 10.73
N GLN B 34 1.20 -24.85 11.58
CA GLN B 34 -0.11 -25.32 11.14
C GLN B 34 -1.08 -24.15 11.30
N PRO B 35 -1.06 -23.20 10.35
CA PRO B 35 -1.98 -22.07 10.49
C PRO B 35 -3.44 -22.47 10.28
N ILE B 36 -4.35 -21.67 10.84
CA ILE B 36 -5.75 -21.98 10.64
C ILE B 36 -6.31 -21.01 9.61
N VAL B 37 -7.08 -21.55 8.67
CA VAL B 37 -7.67 -20.75 7.61
C VAL B 37 -9.01 -20.19 8.06
N PHE B 38 -9.13 -18.87 7.96
CA PHE B 38 -10.35 -18.19 8.36
C PHE B 38 -11.41 -18.22 7.28
N ASP B 39 -12.67 -18.30 7.70
CA ASP B 39 -13.76 -18.25 6.74
C ASP B 39 -14.49 -16.93 6.94
N ARG B 40 -14.74 -16.60 8.21
CA ARG B 40 -15.45 -15.36 8.52
C ARG B 40 -15.10 -14.87 9.93
N VAL B 41 -15.41 -13.60 10.20
CA VAL B 41 -15.16 -12.96 11.49
C VAL B 41 -16.33 -12.04 11.81
N LYS B 42 -16.71 -12.00 13.08
CA LYS B 42 -17.80 -11.15 13.52
C LYS B 42 -17.66 -10.86 15.02
N ASP B 43 -17.88 -9.59 15.38
CA ASP B 43 -17.77 -9.15 16.77
C ASP B 43 -16.42 -9.53 17.33
N ALA B 44 -16.37 -10.32 18.39
CA ALA B 44 -15.07 -10.68 18.96
C ALA B 44 -14.65 -12.08 18.51
N TYR B 45 -15.32 -12.61 17.49
CA TYR B 45 -15.05 -13.97 17.05
C TYR B 45 -14.55 -14.18 15.63
N ALA B 46 -13.92 -15.33 15.43
CA ALA B 46 -13.43 -15.74 14.12
C ALA B 46 -13.87 -17.19 13.95
N TRP B 47 -14.22 -17.58 12.74
CA TRP B 47 -14.64 -18.94 12.45
C TRP B 47 -13.74 -19.58 11.39
N ASP B 48 -13.31 -20.81 11.69
CA ASP B 48 -12.45 -21.66 10.86
C ASP B 48 -13.20 -22.15 9.63
N VAL B 49 -12.45 -22.67 8.66
CA VAL B 49 -13.07 -23.25 7.48
C VAL B 49 -13.53 -24.63 7.93
N ASP B 50 -13.10 -25.03 9.13
CA ASP B 50 -13.49 -26.32 9.70
C ASP B 50 -14.71 -26.18 10.61
N GLY B 51 -15.16 -24.95 10.81
CA GLY B 51 -16.32 -24.70 11.65
C GLY B 51 -16.00 -24.32 13.08
N ASN B 52 -14.72 -24.29 13.44
CA ASN B 52 -14.29 -23.93 14.79
C ASN B 52 -14.48 -22.44 15.04
N ARG B 53 -14.93 -22.11 16.24
CA ARG B 53 -15.14 -20.72 16.61
C ARG B 53 -14.07 -20.32 17.62
N TYR B 54 -13.56 -19.10 17.50
CA TYR B 54 -12.54 -18.60 18.41
C TYR B 54 -12.84 -17.19 18.91
N ILE B 55 -12.39 -16.91 20.13
CA ILE B 55 -12.51 -15.59 20.68
C ILE B 55 -11.18 -15.00 20.18
N ASP B 56 -11.29 -14.02 19.30
CA ASP B 56 -10.15 -13.40 18.64
C ASP B 56 -9.44 -12.27 19.38
N TYR B 57 -8.14 -12.45 19.61
CA TYR B 57 -7.34 -11.42 20.29
C TYR B 57 -6.27 -10.82 19.39
N VAL B 58 -6.47 -11.01 18.09
CA VAL B 58 -5.60 -10.47 17.04
C VAL B 58 -6.31 -9.29 16.35
N GLY B 59 -7.63 -9.38 16.23
CA GLY B 59 -8.41 -8.32 15.60
C GLY B 59 -7.81 -7.88 14.27
N THR B 60 -7.48 -8.86 13.44
CA THR B 60 -6.85 -8.66 12.13
C THR B 60 -5.64 -7.73 12.23
N TRP B 61 -4.99 -7.81 13.40
CA TRP B 61 -3.78 -7.06 13.72
C TRP B 61 -3.98 -5.58 14.05
N GLY B 62 -5.12 -5.25 14.66
CA GLY B 62 -5.37 -3.88 15.06
C GLY B 62 -6.57 -3.14 14.51
N PRO B 63 -6.90 -3.29 13.22
CA PRO B 63 -8.05 -2.58 12.66
C PRO B 63 -9.40 -2.80 13.33
N ALA B 64 -9.68 -4.02 13.77
CA ALA B 64 -10.98 -4.36 14.36
C ALA B 64 -11.23 -3.92 15.81
N ILE B 65 -10.84 -2.70 16.15
CA ILE B 65 -11.04 -2.23 17.51
C ILE B 65 -12.51 -2.14 17.92
N CYS B 66 -13.41 -1.89 16.97
CA CYS B 66 -14.84 -1.80 17.27
C CYS B 66 -15.54 -3.15 17.16
N GLY B 67 -14.77 -4.19 16.89
CA GLY B 67 -15.37 -5.51 16.73
C GLY B 67 -15.32 -5.82 15.24
N HIS B 68 -15.33 -7.11 14.89
CA HIS B 68 -15.28 -7.51 13.48
C HIS B 68 -16.63 -7.28 12.82
N ALA B 69 -16.61 -6.89 11.55
CA ALA B 69 -17.80 -6.64 10.76
C ALA B 69 -18.87 -5.92 11.55
N HIS B 70 -18.52 -4.77 12.11
CA HIS B 70 -19.47 -3.97 12.88
C HIS B 70 -20.61 -3.61 11.93
N PRO B 71 -21.85 -3.86 12.34
CA PRO B 71 -23.01 -3.55 11.50
C PRO B 71 -23.07 -2.14 10.93
N GLU B 72 -22.68 -1.15 11.72
CA GLU B 72 -22.71 0.23 11.24
C GLU B 72 -21.63 0.47 10.21
N VAL B 73 -20.51 -0.24 10.32
CA VAL B 73 -19.44 -0.08 9.36
C VAL B 73 -19.84 -0.75 8.05
N ILE B 74 -20.38 -1.96 8.14
CA ILE B 74 -20.81 -2.71 6.95
C ILE B 74 -21.86 -1.89 6.20
N GLU B 75 -22.84 -1.37 6.94
CA GLU B 75 -23.91 -0.57 6.35
C GLU B 75 -23.35 0.65 5.63
N ALA B 76 -22.41 1.34 6.27
CA ALA B 76 -21.82 2.51 5.67
C ALA B 76 -21.10 2.16 4.36
N LEU B 77 -20.45 1.00 4.33
CA LEU B 77 -19.74 0.56 3.14
C LEU B 77 -20.72 0.18 2.02
N LYS B 78 -21.80 -0.52 2.39
CA LYS B 78 -22.78 -0.94 1.40
C LYS B 78 -23.38 0.27 0.71
N VAL B 79 -23.72 1.30 1.49
CA VAL B 79 -24.29 2.51 0.94
C VAL B 79 -23.27 3.22 0.05
N ALA B 80 -22.03 3.31 0.54
CA ALA B 80 -20.96 3.97 -0.21
C ALA B 80 -20.59 3.29 -1.53
N MET B 81 -20.46 1.96 -1.55
CA MET B 81 -20.06 1.28 -2.78
C MET B 81 -21.03 1.46 -3.94
N GLU B 82 -22.28 1.81 -3.66
CA GLU B 82 -23.24 2.01 -4.74
C GLU B 82 -22.81 3.20 -5.61
N LYS B 83 -21.91 4.03 -5.08
CA LYS B 83 -21.43 5.19 -5.81
C LYS B 83 -20.06 4.95 -6.45
N GLY B 84 -19.59 3.71 -6.41
CA GLY B 84 -18.29 3.38 -6.97
C GLY B 84 -17.27 3.19 -5.86
N THR B 85 -16.31 2.29 -6.08
CA THR B 85 -15.32 2.01 -5.05
C THR B 85 -14.07 2.86 -5.12
N SER B 86 -13.80 3.45 -6.29
CA SER B 86 -12.61 4.28 -6.47
C SER B 86 -12.86 5.34 -7.54
N PHE B 87 -12.43 6.57 -7.26
CA PHE B 87 -12.62 7.68 -8.19
C PHE B 87 -11.35 8.07 -8.93
N GLY B 88 -10.26 8.24 -8.19
CA GLY B 88 -9.02 8.64 -8.84
C GLY B 88 -9.03 10.16 -8.93
N ALA B 89 -9.93 10.76 -8.16
CA ALA B 89 -10.07 12.20 -8.11
C ALA B 89 -10.51 12.57 -6.69
N PRO B 90 -10.46 13.85 -6.34
CA PRO B 90 -10.88 14.27 -5.00
C PRO B 90 -12.34 13.98 -4.71
N CYS B 91 -12.65 13.72 -3.44
CA CYS B 91 -14.03 13.48 -3.03
C CYS B 91 -14.21 14.08 -1.64
N ALA B 92 -15.45 14.46 -1.31
CA ALA B 92 -15.74 15.09 -0.03
C ALA B 92 -15.30 14.22 1.17
N LEU B 93 -15.40 12.90 1.05
CA LEU B 93 -15.02 12.01 2.14
C LEU B 93 -13.58 12.18 2.62
N GLU B 94 -12.68 12.51 1.71
CA GLU B 94 -11.29 12.70 2.10
C GLU B 94 -11.19 13.88 3.07
N ASN B 95 -11.90 14.96 2.78
CA ASN B 95 -11.88 16.14 3.64
C ASN B 95 -12.41 15.79 5.04
N VAL B 96 -13.48 15.00 5.09
CA VAL B 96 -14.06 14.62 6.36
C VAL B 96 -13.09 13.83 7.21
N LEU B 97 -12.48 12.78 6.65
CA LEU B 97 -11.54 11.97 7.42
C LEU B 97 -10.29 12.79 7.77
N ALA B 98 -9.86 13.64 6.85
CA ALA B 98 -8.68 14.48 7.09
C ALA B 98 -8.91 15.37 8.30
N GLU B 99 -10.08 16.02 8.37
CA GLU B 99 -10.40 16.88 9.49
C GLU B 99 -10.45 16.08 10.79
N MET B 100 -11.05 14.89 10.71
CA MET B 100 -11.17 14.05 11.90
C MET B 100 -9.80 13.66 12.44
N VAL B 101 -8.90 13.27 11.55
CA VAL B 101 -7.56 12.88 11.96
C VAL B 101 -6.82 14.08 12.55
N ASN B 102 -6.92 15.24 11.88
CA ASN B 102 -6.26 16.44 12.38
C ASN B 102 -6.74 16.78 13.79
N ASP B 103 -8.05 16.76 14.00
CA ASP B 103 -8.59 17.08 15.31
C ASP B 103 -8.21 16.05 16.37
N ALA B 104 -8.10 14.80 15.95
CA ALA B 104 -7.80 13.72 16.88
C ALA B 104 -6.34 13.63 17.35
N VAL B 105 -5.41 13.78 16.42
CA VAL B 105 -4.00 13.65 16.71
C VAL B 105 -3.26 14.97 16.94
N PRO B 106 -2.71 15.18 18.15
CA PRO B 106 -1.98 16.39 18.53
C PRO B 106 -0.96 16.95 17.53
N SER B 107 -0.03 16.12 17.06
CA SER B 107 0.99 16.60 16.13
C SER B 107 0.53 16.84 14.69
N ILE B 108 -0.63 16.32 14.32
CA ILE B 108 -1.08 16.47 12.96
C ILE B 108 -1.90 17.73 12.66
N GLU B 109 -1.39 18.54 11.74
CA GLU B 109 -2.06 19.77 11.32
C GLU B 109 -2.44 19.60 9.85
N MET B 110 -1.69 18.74 9.16
CA MET B 110 -1.94 18.46 7.75
C MET B 110 -1.67 16.96 7.58
N VAL B 111 -2.45 16.30 6.74
CA VAL B 111 -2.30 14.86 6.56
C VAL B 111 -2.44 14.40 5.11
N ARG B 112 -1.76 13.29 4.80
CA ARG B 112 -1.80 12.69 3.46
C ARG B 112 -2.14 11.22 3.62
N PHE B 113 -3.21 10.79 2.96
CA PHE B 113 -3.63 9.40 3.03
C PHE B 113 -2.86 8.55 2.04
N VAL B 114 -2.61 7.30 2.43
CA VAL B 114 -1.92 6.32 1.60
C VAL B 114 -2.66 4.99 1.76
N ASN B 115 -2.06 3.89 1.31
CA ASN B 115 -2.76 2.62 1.38
C ASN B 115 -2.29 1.56 2.37
N SER B 116 -1.28 1.90 3.18
CA SER B 116 -0.77 0.96 4.18
C SER B 116 0.19 1.66 5.13
N GLY B 117 0.51 0.99 6.24
CA GLY B 117 1.44 1.58 7.20
C GLY B 117 2.80 1.64 6.55
N THR B 118 3.08 0.70 5.67
CA THR B 118 4.36 0.64 4.98
C THR B 118 4.56 1.87 4.09
N GLU B 119 3.53 2.23 3.34
CA GLU B 119 3.63 3.40 2.47
C GLU B 119 3.82 4.65 3.33
N ALA B 120 3.08 4.75 4.44
CA ALA B 120 3.20 5.92 5.31
C ALA B 120 4.63 6.04 5.85
N CYS B 121 5.18 4.92 6.31
CA CYS B 121 6.54 4.92 6.85
C CYS B 121 7.57 5.25 5.76
N MET B 122 7.35 4.75 4.55
CA MET B 122 8.27 5.04 3.44
C MET B 122 8.31 6.56 3.24
N ALA B 123 7.12 7.15 3.17
CA ALA B 123 6.97 8.58 2.96
C ALA B 123 7.56 9.46 4.05
N VAL B 124 7.21 9.14 5.30
CA VAL B 124 7.69 9.93 6.43
C VAL B 124 9.21 9.87 6.53
N LEU B 125 9.79 8.74 6.14
CA LEU B 125 11.23 8.57 6.19
C LEU B 125 11.84 9.54 5.18
N ARG B 126 11.24 9.57 3.99
CA ARG B 126 11.72 10.45 2.94
C ARG B 126 11.53 11.90 3.35
N ILE B 127 10.37 12.22 3.94
CA ILE B 127 10.09 13.60 4.36
C ILE B 127 11.07 14.09 5.44
N MET B 128 11.42 13.22 6.38
CA MET B 128 12.34 13.61 7.45
C MET B 128 13.67 14.05 6.85
N ARG B 129 14.12 13.31 5.84
CA ARG B 129 15.39 13.63 5.20
C ARG B 129 15.30 14.87 4.31
N ALA B 130 14.21 14.98 3.57
CA ALA B 130 14.02 16.13 2.69
C ALA B 130 13.88 17.42 3.51
N TYR B 131 13.20 17.36 4.64
CA TYR B 131 13.02 18.54 5.47
C TYR B 131 14.28 19.02 6.18
N THR B 132 15.03 18.10 6.76
CA THR B 132 16.25 18.44 7.49
C THR B 132 17.48 18.49 6.60
N GLY B 133 17.45 17.78 5.48
CA GLY B 133 18.60 17.77 4.59
C GLY B 133 19.68 16.79 5.04
N ARG B 134 19.34 15.96 6.02
CA ARG B 134 20.26 14.95 6.56
C ARG B 134 19.78 13.57 6.12
N ASP B 135 20.70 12.63 5.95
CA ASP B 135 20.35 11.29 5.50
C ASP B 135 20.22 10.21 6.59
N LYS B 136 20.74 10.47 7.78
CA LYS B 136 20.69 9.47 8.85
C LYS B 136 19.44 9.49 9.71
N ILE B 137 18.93 8.29 9.97
CA ILE B 137 17.72 8.09 10.78
C ILE B 137 18.03 7.11 11.92
N ILE B 138 17.50 7.41 13.09
CA ILE B 138 17.68 6.55 14.27
C ILE B 138 16.40 5.77 14.53
N LYS B 139 16.52 4.45 14.65
CA LYS B 139 15.37 3.58 14.95
C LYS B 139 15.80 2.66 16.09
N PHE B 140 14.84 2.00 16.71
CA PHE B 140 15.15 1.11 17.82
C PHE B 140 15.04 -0.37 17.46
N GLU B 141 15.88 -1.18 18.09
CA GLU B 141 15.89 -2.62 17.82
C GLU B 141 14.57 -3.24 18.26
N GLY B 142 13.96 -4.02 17.39
CA GLY B 142 12.71 -4.66 17.73
C GLY B 142 11.49 -3.91 17.21
N CYS B 143 11.68 -2.64 16.85
CA CYS B 143 10.59 -1.83 16.32
C CYS B 143 10.45 -2.10 14.82
N TYR B 144 9.24 -1.95 14.31
CA TYR B 144 8.99 -2.19 12.89
C TYR B 144 8.20 -1.03 12.28
N HIS B 145 8.62 -0.61 11.09
CA HIS B 145 7.96 0.50 10.38
C HIS B 145 7.88 0.19 8.88
N GLY B 146 7.29 -0.96 8.55
CA GLY B 146 7.17 -1.34 7.16
C GLY B 146 8.46 -1.92 6.60
N HIS B 147 8.46 -2.18 5.30
CA HIS B 147 9.63 -2.75 4.64
C HIS B 147 10.35 -1.76 3.74
N ALA B 148 10.37 -0.50 4.14
CA ALA B 148 11.04 0.53 3.34
C ALA B 148 12.55 0.29 3.33
N ASP B 149 13.01 -0.42 2.30
CA ASP B 149 14.43 -0.74 2.12
C ASP B 149 15.34 -0.11 3.17
N MET B 150 15.40 1.23 3.14
CA MET B 150 16.20 2.00 4.07
C MET B 150 15.87 1.72 5.53
N PHE B 151 15.14 0.63 5.78
CA PHE B 151 14.74 0.30 7.14
C PHE B 151 15.14 -1.10 7.61
N LEU B 152 15.36 -2.01 6.68
CA LEU B 152 15.75 -3.37 7.05
C LEU B 152 17.10 -3.39 7.76
N VAL B 153 17.07 -3.00 9.03
CA VAL B 153 18.23 -2.95 9.91
C VAL B 153 17.69 -2.78 11.33
N LYS B 154 17.51 -3.91 12.01
CA LYS B 154 16.97 -3.96 13.37
C LYS B 154 15.45 -3.99 13.32
N ALA B 155 14.92 -4.21 12.11
CA ALA B 155 13.48 -4.26 11.90
C ALA B 155 12.83 -5.25 12.87
N GLY B 156 11.58 -5.00 13.22
CA GLY B 156 10.89 -5.87 14.15
C GLY B 156 9.69 -6.60 13.57
N SER B 157 8.67 -6.80 14.41
CA SER B 157 7.45 -7.49 14.02
C SER B 157 7.74 -8.95 13.71
N GLY B 158 7.51 -9.35 12.47
CA GLY B 158 7.76 -10.73 12.09
C GLY B 158 9.24 -11.05 12.14
N VAL B 159 10.07 -10.03 11.89
CA VAL B 159 11.53 -10.19 11.88
C VAL B 159 12.05 -10.98 13.08
N ALA B 160 11.24 -11.07 14.13
CA ALA B 160 11.62 -11.80 15.33
C ALA B 160 11.07 -13.22 15.31
N THR B 161 9.79 -13.32 14.95
CA THR B 161 9.09 -14.59 14.91
C THR B 161 9.31 -15.40 13.65
N LEU B 162 10.52 -15.36 13.12
CA LEU B 162 10.85 -16.10 11.91
C LEU B 162 12.31 -15.85 11.57
N GLY B 163 13.15 -15.79 12.61
CA GLY B 163 14.56 -15.55 12.42
C GLY B 163 14.90 -14.74 11.18
N LEU B 164 14.25 -13.60 11.01
CA LEU B 164 14.49 -12.76 9.86
C LEU B 164 15.75 -11.92 10.04
N PRO B 165 16.34 -11.45 8.93
CA PRO B 165 17.54 -10.63 8.92
C PRO B 165 17.14 -9.22 8.53
N SER B 166 18.03 -8.56 7.80
CA SER B 166 17.77 -7.21 7.30
C SER B 166 17.16 -7.38 5.92
N SER B 167 16.12 -8.20 5.85
CA SER B 167 15.41 -8.51 4.60
C SER B 167 16.26 -8.22 3.36
N PRO B 168 16.97 -9.25 2.87
CA PRO B 168 17.83 -9.14 1.70
C PRO B 168 17.19 -8.42 0.51
N GLY B 169 18.03 -7.92 -0.39
CA GLY B 169 17.54 -7.21 -1.55
C GLY B 169 17.70 -5.71 -1.32
N VAL B 170 17.79 -5.35 -0.05
CA VAL B 170 17.97 -3.95 0.34
C VAL B 170 19.46 -3.70 0.46
N PRO B 171 20.08 -3.11 -0.58
CA PRO B 171 21.51 -2.83 -0.58
C PRO B 171 22.06 -2.44 0.79
N LYS B 172 23.12 -3.13 1.20
CA LYS B 172 23.76 -2.88 2.49
C LYS B 172 24.01 -1.38 2.62
N LYS B 173 24.04 -0.69 1.48
CA LYS B 173 24.26 0.74 1.44
C LYS B 173 22.99 1.53 1.73
N THR B 174 21.87 1.12 1.14
CA THR B 174 20.61 1.81 1.37
C THR B 174 20.35 1.93 2.86
N THR B 175 20.54 0.83 3.59
CA THR B 175 20.33 0.82 5.03
C THR B 175 21.59 1.26 5.78
N ALA B 176 22.40 2.10 5.13
CA ALA B 176 23.63 2.60 5.74
C ALA B 176 23.39 3.94 6.44
N ASN B 177 22.25 4.56 6.15
CA ASN B 177 21.92 5.84 6.77
C ASN B 177 20.86 5.63 7.85
N THR B 178 20.83 4.42 8.41
CA THR B 178 19.88 4.10 9.46
C THR B 178 20.68 3.62 10.66
N LEU B 179 20.56 4.34 11.77
CA LEU B 179 21.25 4.00 13.00
C LEU B 179 20.24 3.42 13.98
N THR B 180 20.67 2.44 14.77
CA THR B 180 19.77 1.82 15.73
C THR B 180 20.31 1.85 17.16
N THR B 181 19.40 1.75 18.10
CA THR B 181 19.74 1.76 19.52
C THR B 181 18.70 0.92 20.25
N PRO B 182 19.01 0.49 21.47
CA PRO B 182 18.01 -0.31 22.19
C PRO B 182 16.81 0.54 22.58
N TYR B 183 15.61 -0.04 22.55
CA TYR B 183 14.42 0.70 22.95
C TYR B 183 14.60 1.04 24.42
N ASN B 184 14.15 2.23 24.83
CA ASN B 184 14.25 2.67 26.22
C ASN B 184 15.67 3.00 26.67
N ASP B 185 16.58 3.16 25.71
CA ASP B 185 17.97 3.48 26.04
C ASP B 185 18.31 4.90 25.56
N LEU B 186 18.08 5.88 26.42
CA LEU B 186 18.36 7.28 26.07
C LEU B 186 19.85 7.54 25.85
N GLU B 187 20.69 6.92 26.68
CA GLU B 187 22.13 7.11 26.56
C GLU B 187 22.65 6.65 25.21
N ALA B 188 22.13 5.53 24.72
CA ALA B 188 22.55 5.01 23.43
C ALA B 188 22.18 5.99 22.32
N VAL B 189 21.05 6.67 22.49
CA VAL B 189 20.58 7.65 21.51
C VAL B 189 21.47 8.89 21.47
N LYS B 190 21.86 9.38 22.64
CA LYS B 190 22.73 10.57 22.71
C LYS B 190 24.07 10.25 22.04
N ALA B 191 24.58 9.05 22.29
CA ALA B 191 25.84 8.61 21.71
C ALA B 191 25.78 8.65 20.19
N LEU B 192 24.65 8.21 19.63
CA LEU B 192 24.50 8.21 18.18
C LEU B 192 24.57 9.62 17.61
N PHE B 193 23.97 10.58 18.31
CA PHE B 193 24.00 11.96 17.83
C PHE B 193 25.44 12.48 17.90
N ALA B 194 26.10 12.22 19.02
CA ALA B 194 27.47 12.66 19.23
C ALA B 194 28.42 12.08 18.17
N GLU B 195 28.17 10.84 17.76
CA GLU B 195 29.02 10.20 16.76
C GLU B 195 28.66 10.55 15.32
N ASN B 196 27.58 11.31 15.14
CA ASN B 196 27.12 11.69 13.80
C ASN B 196 26.54 13.09 13.82
N PRO B 197 27.33 14.07 14.28
CA PRO B 197 26.89 15.48 14.36
C PRO B 197 26.45 16.07 13.03
N GLY B 198 25.18 16.47 12.96
CA GLY B 198 24.64 17.07 11.76
C GLY B 198 24.24 16.09 10.67
N GLU B 199 24.12 14.82 11.01
CA GLU B 199 23.74 13.82 10.02
C GLU B 199 22.42 13.13 10.33
N ILE B 200 21.86 13.38 11.51
CA ILE B 200 20.62 12.74 11.92
C ILE B 200 19.36 13.53 11.58
N ALA B 201 18.59 13.03 10.61
CA ALA B 201 17.36 13.68 10.22
C ALA B 201 16.37 13.61 11.39
N GLY B 202 16.42 12.51 12.14
CA GLY B 202 15.53 12.37 13.28
C GLY B 202 15.43 10.97 13.87
N VAL B 203 14.54 10.83 14.83
CA VAL B 203 14.30 9.56 15.53
C VAL B 203 12.87 9.07 15.28
N ILE B 204 12.71 7.82 14.84
CA ILE B 204 11.39 7.25 14.62
C ILE B 204 11.22 6.04 15.52
N LEU B 205 10.02 5.85 16.08
CA LEU B 205 9.77 4.73 16.98
C LEU B 205 8.28 4.49 17.22
N GLU B 206 7.95 3.31 17.75
CA GLU B 206 6.59 3.00 18.11
C GLU B 206 6.54 3.59 19.54
N PRO B 207 5.72 4.63 19.78
CA PRO B 207 5.66 5.24 21.12
C PRO B 207 5.40 4.20 22.21
N ILE B 208 4.71 3.13 21.82
CA ILE B 208 4.46 1.97 22.69
C ILE B 208 4.71 0.84 21.69
N VAL B 209 5.59 -0.10 22.05
CA VAL B 209 5.92 -1.19 21.15
C VAL B 209 4.93 -2.33 21.12
N GLY B 210 4.74 -2.88 19.91
CA GLY B 210 3.85 -3.99 19.72
C GLY B 210 4.52 -5.07 18.85
N ASN B 211 5.65 -4.73 18.23
CA ASN B 211 6.32 -5.67 17.33
C ASN B 211 7.47 -6.52 17.89
N SER B 212 7.77 -6.38 19.16
CA SER B 212 8.80 -7.20 19.79
C SER B 212 8.10 -7.59 21.08
N GLY B 213 6.79 -7.77 20.94
CA GLY B 213 5.96 -8.08 22.09
C GLY B 213 5.53 -6.72 22.56
N PHE B 214 4.69 -6.67 23.58
CA PHE B 214 4.19 -5.41 24.14
C PHE B 214 5.26 -4.78 25.05
N ILE B 215 5.65 -3.54 24.77
CA ILE B 215 6.64 -2.85 25.58
C ILE B 215 6.29 -1.37 25.72
N VAL B 216 6.13 -0.93 26.96
CA VAL B 216 5.79 0.47 27.24
C VAL B 216 7.08 1.26 27.47
N PRO B 217 7.07 2.57 27.16
CA PRO B 217 8.29 3.36 27.38
C PRO B 217 8.52 3.62 28.85
N ASP B 218 9.77 3.56 29.28
CA ASP B 218 10.08 3.82 30.69
C ASP B 218 9.75 5.28 31.00
N ALA B 219 9.67 5.61 32.28
CA ALA B 219 9.39 6.98 32.66
C ALA B 219 10.51 7.86 32.10
N GLY B 220 10.14 8.94 31.42
CA GLY B 220 11.12 9.85 30.87
C GLY B 220 11.72 9.51 29.52
N PHE B 221 11.45 8.32 28.99
CA PHE B 221 12.01 7.94 27.69
C PHE B 221 11.47 8.79 26.54
N LEU B 222 10.15 8.85 26.39
CA LEU B 222 9.57 9.64 25.30
C LEU B 222 9.94 11.11 25.48
N GLU B 223 9.88 11.60 26.70
CA GLU B 223 10.23 12.98 27.01
C GLU B 223 11.68 13.25 26.60
N GLY B 224 12.58 12.34 26.96
CA GLY B 224 13.98 12.51 26.63
C GLY B 224 14.21 12.61 25.14
N LEU B 225 13.59 11.71 24.38
CA LEU B 225 13.74 11.70 22.94
C LEU B 225 13.29 13.05 22.38
N ARG B 226 12.21 13.57 22.92
CA ARG B 226 11.71 14.85 22.44
C ARG B 226 12.74 15.92 22.71
N GLU B 227 13.27 15.92 23.92
CA GLU B 227 14.27 16.89 24.31
C GLU B 227 15.50 16.86 23.41
N ILE B 228 16.13 15.70 23.27
CA ILE B 228 17.35 15.64 22.47
C ILE B 228 17.15 15.91 20.97
N THR B 229 16.03 15.47 20.40
CA THR B 229 15.81 15.73 18.99
C THR B 229 15.71 17.24 18.80
N LEU B 230 15.04 17.92 19.73
CA LEU B 230 14.92 19.36 19.65
C LEU B 230 16.30 19.99 19.77
N GLU B 231 17.11 19.44 20.67
CA GLU B 231 18.46 19.95 20.89
C GLU B 231 19.30 19.96 19.62
N HIS B 232 19.24 18.87 18.85
CA HIS B 232 20.03 18.76 17.63
C HIS B 232 19.25 19.10 16.37
N ASP B 233 18.16 19.84 16.52
CA ASP B 233 17.33 20.21 15.38
C ASP B 233 16.92 19.04 14.52
N ALA B 234 16.66 17.90 15.17
CA ALA B 234 16.24 16.69 14.47
C ALA B 234 14.75 16.47 14.73
N LEU B 235 14.12 15.67 13.88
CA LEU B 235 12.70 15.40 14.02
C LEU B 235 12.42 14.18 14.89
N LEU B 236 11.28 14.21 15.58
CA LEU B 236 10.84 13.09 16.41
C LEU B 236 9.61 12.56 15.68
N VAL B 237 9.65 11.30 15.24
CA VAL B 237 8.54 10.71 14.51
C VAL B 237 7.95 9.51 15.24
N PHE B 238 6.64 9.56 15.47
CA PHE B 238 5.93 8.48 16.14
C PHE B 238 5.24 7.60 15.11
N ASP B 239 5.52 6.30 15.15
CA ASP B 239 4.88 5.37 14.24
C ASP B 239 3.69 4.88 15.05
N GLU B 240 2.51 5.45 14.82
CA GLU B 240 1.33 5.05 15.57
C GLU B 240 0.36 4.25 14.70
N VAL B 241 0.92 3.43 13.82
CA VAL B 241 0.13 2.58 12.93
C VAL B 241 -0.69 1.63 13.80
N ILE B 242 -0.08 1.10 14.84
CA ILE B 242 -0.81 0.19 15.74
C ILE B 242 -1.50 0.97 16.85
N THR B 243 -0.74 1.82 17.55
CA THR B 243 -1.28 2.58 18.67
C THR B 243 -2.32 3.68 18.35
N GLY B 244 -2.24 4.24 17.15
CA GLY B 244 -3.19 5.28 16.78
C GLY B 244 -4.64 4.86 16.94
N PHE B 245 -5.40 5.65 17.70
CA PHE B 245 -6.82 5.38 17.96
C PHE B 245 -7.10 4.13 18.80
N ARG B 246 -6.06 3.48 19.29
CA ARG B 246 -6.21 2.29 20.13
C ARG B 246 -5.79 2.61 21.58
N ILE B 247 -4.60 3.15 21.77
CA ILE B 247 -4.10 3.51 23.09
C ILE B 247 -4.97 4.64 23.65
N ALA B 248 -5.46 5.48 22.74
CA ALA B 248 -6.32 6.61 23.10
C ALA B 248 -6.80 7.19 21.79
N TYR B 249 -7.82 8.04 21.81
CA TYR B 249 -8.31 8.61 20.57
C TYR B 249 -7.17 9.36 19.88
N GLY B 250 -6.32 9.99 20.67
CA GLY B 250 -5.20 10.74 20.13
C GLY B 250 -3.92 9.93 20.13
N GLY B 251 -4.04 8.62 20.35
CA GLY B 251 -2.87 7.76 20.37
C GLY B 251 -1.97 8.00 21.56
N VAL B 252 -0.80 7.38 21.54
CA VAL B 252 0.15 7.53 22.64
C VAL B 252 0.60 8.97 22.85
N GLN B 253 0.83 9.72 21.77
CA GLN B 253 1.27 11.09 21.92
C GLN B 253 0.29 11.88 22.79
N GLU B 254 -1.00 11.59 22.64
CA GLU B 254 -1.99 12.29 23.45
C GLU B 254 -2.03 11.74 24.88
N LYS B 255 -2.09 10.42 25.03
CA LYS B 255 -2.17 9.84 26.37
C LYS B 255 -0.97 10.14 27.26
N PHE B 256 0.24 10.08 26.69
CA PHE B 256 1.45 10.34 27.47
C PHE B 256 1.95 11.77 27.40
N GLY B 257 1.22 12.61 26.67
CA GLY B 257 1.58 14.01 26.57
C GLY B 257 2.91 14.40 25.94
N VAL B 258 3.29 13.70 24.88
CA VAL B 258 4.53 14.03 24.19
C VAL B 258 4.17 14.19 22.72
N THR B 259 4.40 15.39 22.20
CA THR B 259 4.07 15.71 20.81
C THR B 259 5.23 15.59 19.84
N PRO B 260 5.14 14.65 18.89
CA PRO B 260 6.21 14.48 17.90
C PRO B 260 6.01 15.51 16.80
N ASP B 261 6.89 15.50 15.81
CA ASP B 261 6.79 16.42 14.70
C ASP B 261 6.01 15.80 13.56
N LEU B 262 6.04 14.47 13.51
CA LEU B 262 5.38 13.71 12.46
C LEU B 262 4.89 12.38 13.03
N THR B 263 3.80 11.86 12.48
CA THR B 263 3.33 10.55 12.92
C THR B 263 2.67 9.81 11.78
N THR B 264 2.86 8.50 11.78
CA THR B 264 2.29 7.66 10.75
C THR B 264 1.09 6.97 11.38
N LEU B 265 0.09 6.71 10.54
CA LEU B 265 -1.12 6.06 10.99
C LEU B 265 -1.47 4.91 10.05
N GLY B 266 -2.33 4.02 10.52
CA GLY B 266 -2.74 2.89 9.70
C GLY B 266 -3.80 2.10 10.42
N LYS B 267 -3.94 0.84 10.01
CA LYS B 267 -4.90 -0.09 10.61
C LYS B 267 -6.28 0.47 10.92
N ILE B 268 -6.50 0.88 12.16
CA ILE B 268 -7.82 1.40 12.56
C ILE B 268 -8.40 2.47 11.63
N ILE B 269 -7.57 3.38 11.11
CA ILE B 269 -8.12 4.42 10.23
C ILE B 269 -8.74 3.87 8.96
N GLY B 270 -8.50 2.60 8.66
CA GLY B 270 -9.07 2.00 7.48
C GLY B 270 -10.32 1.18 7.79
N GLY B 271 -10.58 0.99 9.09
CA GLY B 271 -11.75 0.23 9.50
C GLY B 271 -11.81 -1.18 8.95
N GLY B 272 -10.68 -1.70 8.50
CA GLY B 272 -10.67 -3.05 7.96
C GLY B 272 -10.22 -3.08 6.52
N LEU B 273 -10.17 -1.91 5.88
CA LEU B 273 -9.74 -1.82 4.49
C LEU B 273 -8.32 -1.27 4.49
N PRO B 274 -7.59 -1.49 3.39
CA PRO B 274 -6.21 -0.99 3.31
C PRO B 274 -6.13 0.54 3.34
N VAL B 275 -5.66 1.09 4.45
CA VAL B 275 -5.52 2.54 4.62
C VAL B 275 -4.33 2.91 5.52
N GLY B 276 -3.62 3.95 5.14
CA GLY B 276 -2.50 4.43 5.92
C GLY B 276 -2.46 5.94 5.79
N ALA B 277 -1.62 6.61 6.58
CA ALA B 277 -1.53 8.06 6.50
C ALA B 277 -0.36 8.58 7.30
N TYR B 278 0.12 9.74 6.92
CA TYR B 278 1.20 10.40 7.62
C TYR B 278 0.91 11.89 7.65
N GLY B 279 1.21 12.51 8.79
CA GLY B 279 0.96 13.94 8.94
C GLY B 279 1.77 14.49 10.10
N GLY B 280 1.64 15.79 10.33
CA GLY B 280 2.37 16.43 11.41
C GLY B 280 2.35 17.95 11.22
N LYS B 281 3.42 18.62 11.66
CA LYS B 281 3.51 20.06 11.54
C LYS B 281 3.31 20.52 10.10
N ARG B 282 2.47 21.53 9.94
CA ARG B 282 2.13 22.10 8.64
C ARG B 282 3.33 22.45 7.76
N GLU B 283 4.32 23.14 8.31
CA GLU B 283 5.49 23.54 7.53
C GLU B 283 6.26 22.36 6.94
N ILE B 284 6.26 21.23 7.64
CA ILE B 284 6.96 20.03 7.15
C ILE B 284 6.11 19.34 6.07
N MET B 285 4.82 19.21 6.34
CA MET B 285 3.94 18.57 5.37
C MET B 285 3.89 19.36 4.07
N GLN B 286 4.27 20.63 4.14
CA GLN B 286 4.28 21.51 2.97
C GLN B 286 5.20 21.01 1.86
N LEU B 287 6.17 20.17 2.21
CA LEU B 287 7.10 19.64 1.22
C LEU B 287 6.53 18.51 0.37
N VAL B 288 5.41 17.94 0.79
CA VAL B 288 4.80 16.85 0.05
C VAL B 288 4.14 17.33 -1.24
N ALA B 289 4.38 16.61 -2.33
CA ALA B 289 3.81 16.96 -3.63
C ALA B 289 2.30 16.76 -3.57
N PRO B 290 1.54 17.56 -4.35
CA PRO B 290 2.02 18.60 -5.26
C PRO B 290 2.29 19.96 -4.61
N ALA B 291 2.22 20.04 -3.28
CA ALA B 291 2.47 21.31 -2.61
C ALA B 291 3.97 21.56 -2.54
N GLY B 292 4.74 20.48 -2.48
CA GLY B 292 6.19 20.60 -2.39
C GLY B 292 6.92 19.63 -3.33
N PRO B 293 8.26 19.63 -3.31
CA PRO B 293 9.09 18.76 -4.16
C PRO B 293 9.22 17.29 -3.81
N MET B 294 8.90 16.90 -2.57
CA MET B 294 9.03 15.50 -2.19
C MET B 294 7.90 14.69 -2.80
N TYR B 295 8.24 13.80 -3.72
CA TYR B 295 7.23 13.00 -4.40
C TYR B 295 6.77 11.75 -3.66
N GLN B 296 5.45 11.56 -3.68
CA GLN B 296 4.80 10.43 -3.06
C GLN B 296 3.38 10.38 -3.67
N ALA B 297 2.99 9.23 -4.17
CA ALA B 297 1.68 9.09 -4.80
C ALA B 297 1.03 7.74 -4.54
N GLY B 298 -0.24 7.62 -4.91
CA GLY B 298 -0.97 6.37 -4.70
C GLY B 298 -2.31 6.40 -5.41
N THR B 299 -2.49 5.49 -6.35
CA THR B 299 -3.71 5.37 -7.15
C THR B 299 -4.98 5.22 -6.32
N LEU B 300 -4.93 4.31 -5.34
CA LEU B 300 -6.09 4.05 -4.50
C LEU B 300 -6.18 4.94 -3.26
N SER B 301 -5.18 5.79 -3.06
CA SER B 301 -5.16 6.67 -1.90
C SER B 301 -6.41 7.54 -1.82
N GLY B 302 -6.98 7.59 -0.62
CA GLY B 302 -8.18 8.39 -0.40
C GLY B 302 -9.43 7.85 -1.08
N ASN B 303 -9.48 6.57 -1.43
CA ASN B 303 -10.66 6.04 -2.08
C ASN B 303 -11.85 6.11 -1.12
N PRO B 304 -13.07 6.29 -1.67
CA PRO B 304 -14.33 6.39 -0.94
C PRO B 304 -14.61 5.31 0.09
N LEU B 305 -14.38 4.05 -0.29
CA LEU B 305 -14.65 2.94 0.62
C LEU B 305 -13.78 3.01 1.86
N ALA B 306 -12.49 3.24 1.64
CA ALA B 306 -11.54 3.34 2.74
C ALA B 306 -11.91 4.49 3.66
N MET B 307 -12.16 5.65 3.08
CA MET B 307 -12.52 6.83 3.85
C MET B 307 -13.79 6.56 4.65
N THR B 308 -14.79 6.01 3.97
CA THR B 308 -16.06 5.68 4.62
C THR B 308 -15.85 4.82 5.86
N ALA B 309 -15.07 3.74 5.72
CA ALA B 309 -14.82 2.83 6.82
C ALA B 309 -14.08 3.52 7.97
N GLY B 310 -13.11 4.36 7.62
CA GLY B 310 -12.33 5.07 8.63
C GLY B 310 -13.18 6.06 9.39
N ILE B 311 -14.00 6.79 8.66
CA ILE B 311 -14.89 7.78 9.26
C ILE B 311 -15.85 7.13 10.28
N LYS B 312 -16.49 6.05 9.87
CA LYS B 312 -17.46 5.36 10.75
C LYS B 312 -16.76 4.77 11.97
N THR B 313 -15.56 4.23 11.77
CA THR B 313 -14.84 3.63 12.88
C THR B 313 -14.48 4.69 13.93
N LEU B 314 -13.97 5.83 13.49
CA LEU B 314 -13.62 6.90 14.41
C LEU B 314 -14.88 7.47 15.06
N GLU B 315 -16.00 7.49 14.34
CA GLU B 315 -17.24 8.00 14.92
C GLU B 315 -17.68 7.08 16.05
N LEU B 316 -17.57 5.76 15.83
CA LEU B 316 -17.94 4.81 16.86
C LEU B 316 -17.06 4.95 18.08
N LEU B 317 -15.77 5.23 17.86
CA LEU B 317 -14.83 5.40 18.97
C LEU B 317 -15.08 6.67 19.80
N ARG B 318 -15.81 7.63 19.24
CA ARG B 318 -16.09 8.87 19.97
C ARG B 318 -17.32 8.77 20.88
N GLN B 319 -17.94 7.59 20.90
CA GLN B 319 -19.10 7.38 21.76
C GLN B 319 -18.63 7.25 23.20
N PRO B 320 -19.53 7.51 24.16
CA PRO B 320 -19.23 7.45 25.60
C PRO B 320 -18.65 6.13 26.13
N GLY B 321 -17.60 6.25 26.95
CA GLY B 321 -16.99 5.09 27.57
C GLY B 321 -16.14 4.12 26.77
N THR B 322 -15.92 4.41 25.50
CA THR B 322 -15.12 3.55 24.63
C THR B 322 -13.75 3.10 25.19
N TYR B 323 -12.83 4.02 25.41
CA TYR B 323 -11.52 3.65 25.91
C TYR B 323 -11.51 3.16 27.35
N GLU B 324 -12.48 3.60 28.14
CA GLU B 324 -12.59 3.14 29.52
C GLU B 324 -12.95 1.66 29.50
N TYR B 325 -13.86 1.30 28.60
CA TYR B 325 -14.28 -0.10 28.49
C TYR B 325 -13.09 -0.96 28.09
N LEU B 326 -12.35 -0.53 27.07
CA LEU B 326 -11.19 -1.29 26.62
C LEU B 326 -10.22 -1.52 27.76
N ASP B 327 -9.92 -0.48 28.53
CA ASP B 327 -8.98 -0.60 29.63
C ASP B 327 -9.52 -1.53 30.71
N GLN B 328 -10.83 -1.51 30.91
CA GLN B 328 -11.47 -2.34 31.93
C GLN B 328 -11.33 -3.83 31.65
N ILE B 329 -11.72 -4.25 30.45
CA ILE B 329 -11.62 -5.66 30.12
C ILE B 329 -10.20 -6.13 29.88
N THR B 330 -9.37 -5.28 29.32
CA THR B 330 -7.99 -5.67 29.04
C THR B 330 -7.13 -5.74 30.29
N LYS B 331 -7.44 -4.90 31.28
CA LYS B 331 -6.71 -4.94 32.54
C LYS B 331 -7.06 -6.27 33.24
N ARG B 332 -8.32 -6.65 33.20
CA ARG B 332 -8.74 -7.89 33.84
C ARG B 332 -8.11 -9.09 33.13
N LEU B 333 -8.08 -9.01 31.80
CA LEU B 333 -7.51 -10.09 30.99
C LEU B 333 -6.02 -10.23 31.32
N SER B 334 -5.29 -9.12 31.20
CA SER B 334 -3.85 -9.13 31.48
C SER B 334 -3.53 -9.59 32.90
N ASP B 335 -4.22 -9.01 33.89
CA ASP B 335 -3.99 -9.37 35.28
C ASP B 335 -4.32 -10.84 35.48
N GLY B 336 -5.43 -11.29 34.90
CA GLY B 336 -5.83 -12.67 35.03
C GLY B 336 -4.79 -13.63 34.47
N LEU B 337 -4.22 -13.27 33.31
CA LEU B 337 -3.21 -14.08 32.65
C LEU B 337 -1.99 -14.25 33.54
N LEU B 338 -1.53 -13.16 34.14
CA LEU B 338 -0.36 -13.19 35.01
C LEU B 338 -0.66 -13.97 36.28
N ALA B 339 -1.84 -13.77 36.86
CA ALA B 339 -2.23 -14.46 38.08
C ALA B 339 -2.21 -15.97 37.84
N ILE B 340 -2.77 -16.39 36.72
CA ILE B 340 -2.83 -17.79 36.35
C ILE B 340 -1.43 -18.38 36.14
N ALA B 341 -0.56 -17.63 35.46
CA ALA B 341 0.80 -18.08 35.22
C ALA B 341 1.49 -18.37 36.54
N GLN B 342 1.36 -17.43 37.47
CA GLN B 342 1.97 -17.58 38.79
C GLN B 342 1.38 -18.77 39.52
N GLU B 343 0.07 -18.90 39.49
CA GLU B 343 -0.60 -20.00 40.16
C GLU B 343 -0.25 -21.36 39.56
N THR B 344 0.16 -21.38 38.30
CA THR B 344 0.51 -22.64 37.65
C THR B 344 2.00 -22.93 37.62
N GLY B 345 2.79 -22.04 38.20
CA GLY B 345 4.22 -22.23 38.25
C GLY B 345 5.04 -21.81 37.05
N HIS B 346 4.52 -20.93 36.21
CA HIS B 346 5.28 -20.49 35.05
C HIS B 346 5.68 -19.04 35.12
N ALA B 347 6.97 -18.78 34.92
CA ALA B 347 7.51 -17.43 34.95
C ALA B 347 6.92 -16.63 33.79
N ALA B 348 6.36 -15.48 34.12
CA ALA B 348 5.78 -14.63 33.08
C ALA B 348 5.73 -13.18 33.51
N CYS B 349 5.47 -12.31 32.54
CA CYS B 349 5.36 -10.88 32.78
C CYS B 349 4.61 -10.32 31.59
N GLY B 350 4.03 -9.14 31.75
CA GLY B 350 3.28 -8.56 30.65
C GLY B 350 2.78 -7.18 31.03
N GLY B 351 1.51 -6.92 30.73
CA GLY B 351 0.94 -5.64 31.05
C GLY B 351 0.08 -5.15 29.90
N GLN B 352 -0.68 -4.08 30.16
CA GLN B 352 -1.55 -3.52 29.15
C GLN B 352 -1.77 -2.04 29.37
N VAL B 353 -2.28 -1.39 28.33
CA VAL B 353 -2.60 0.03 28.32
C VAL B 353 -3.72 0.07 27.30
N SER B 354 -4.92 0.45 27.75
CA SER B 354 -6.08 0.49 26.88
C SER B 354 -6.29 -0.94 26.34
N GLY B 355 -6.72 -1.05 25.08
CA GLY B 355 -6.96 -2.37 24.51
C GLY B 355 -5.78 -2.98 23.78
N MET B 356 -4.60 -2.90 24.40
CA MET B 356 -3.38 -3.46 23.83
C MET B 356 -2.62 -4.12 24.98
N PHE B 357 -2.27 -5.39 24.81
CA PHE B 357 -1.57 -6.10 25.88
C PHE B 357 -0.42 -6.99 25.41
N GLY B 358 0.28 -7.56 26.39
CA GLY B 358 1.39 -8.44 26.09
C GLY B 358 1.52 -9.45 27.22
N PHE B 359 2.05 -10.63 26.91
CA PHE B 359 2.23 -11.69 27.90
C PHE B 359 3.44 -12.50 27.45
N PHE B 360 4.55 -12.36 28.19
CA PHE B 360 5.78 -13.07 27.86
C PHE B 360 6.12 -14.21 28.83
N PHE B 361 6.58 -15.33 28.29
CA PHE B 361 6.97 -16.46 29.14
C PHE B 361 8.43 -16.28 29.56
N THR B 362 8.63 -15.29 30.43
CA THR B 362 9.94 -14.95 30.99
C THR B 362 9.64 -14.07 32.20
N GLU B 363 10.45 -14.18 33.25
CA GLU B 363 10.20 -13.39 34.46
C GLU B 363 10.29 -11.90 34.20
N GLY B 364 11.17 -11.50 33.28
CA GLY B 364 11.33 -10.10 32.97
C GLY B 364 11.80 -9.28 34.16
N PRO B 365 11.42 -8.00 34.24
CA PRO B 365 10.57 -7.26 33.29
C PRO B 365 11.20 -7.05 31.92
N VAL B 366 10.36 -6.76 30.94
CA VAL B 366 10.79 -6.52 29.56
C VAL B 366 10.81 -5.02 29.24
N HIS B 367 12.02 -4.48 29.04
CA HIS B 367 12.17 -3.05 28.72
C HIS B 367 12.62 -2.84 27.27
N ASN B 368 13.01 -3.92 26.61
CA ASN B 368 13.49 -3.83 25.25
C ASN B 368 13.43 -5.17 24.56
N TYR B 369 13.81 -5.18 23.28
CA TYR B 369 13.79 -6.39 22.49
C TYR B 369 14.67 -7.50 23.06
N GLU B 370 15.82 -7.13 23.62
CA GLU B 370 16.71 -8.14 24.19
C GLU B 370 16.01 -8.91 25.30
N ASP B 371 15.39 -8.19 26.22
CA ASP B 371 14.68 -8.81 27.33
C ASP B 371 13.60 -9.74 26.82
N ALA B 372 12.83 -9.26 25.85
CA ALA B 372 11.75 -10.05 25.29
C ALA B 372 12.26 -11.35 24.68
N LYS B 373 13.45 -11.32 24.10
CA LYS B 373 14.02 -12.51 23.48
C LYS B 373 14.42 -13.58 24.51
N LYS B 374 14.25 -13.29 25.79
CA LYS B 374 14.56 -14.27 26.81
C LYS B 374 13.33 -15.17 27.02
N SER B 375 12.22 -14.80 26.39
CA SER B 375 10.99 -15.59 26.51
C SER B 375 11.19 -17.02 26.02
N ASP B 376 10.58 -17.97 26.74
CA ASP B 376 10.67 -19.39 26.36
C ASP B 376 9.72 -19.63 25.18
N LEU B 377 10.27 -19.55 23.97
CA LEU B 377 9.49 -19.71 22.75
C LEU B 377 8.83 -21.07 22.59
N GLN B 378 9.47 -22.12 23.11
CA GLN B 378 8.91 -23.46 22.99
C GLN B 378 7.67 -23.58 23.86
N LYS B 379 7.71 -22.95 25.02
CA LYS B 379 6.55 -22.98 25.91
C LYS B 379 5.44 -22.16 25.27
N PHE B 380 5.80 -21.03 24.67
CA PHE B 380 4.81 -20.17 24.05
C PHE B 380 4.10 -20.93 22.94
N SER B 381 4.87 -21.67 22.14
CA SER B 381 4.29 -22.44 21.05
C SER B 381 3.27 -23.45 21.54
N ARG B 382 3.55 -24.10 22.67
CA ARG B 382 2.61 -25.07 23.22
C ARG B 382 1.39 -24.35 23.78
N PHE B 383 1.63 -23.21 24.42
CA PHE B 383 0.54 -22.41 25.00
C PHE B 383 -0.43 -21.96 23.92
N HIS B 384 0.12 -21.45 22.82
CA HIS B 384 -0.69 -20.97 21.71
C HIS B 384 -1.57 -22.06 21.10
N ARG B 385 -0.99 -23.23 20.83
CA ARG B 385 -1.76 -24.31 20.26
C ARG B 385 -2.83 -24.77 21.25
N GLY B 386 -2.46 -24.89 22.51
CA GLY B 386 -3.43 -25.28 23.51
C GLY B 386 -4.60 -24.31 23.57
N MET B 387 -4.30 -23.01 23.46
CA MET B 387 -5.35 -22.00 23.51
C MET B 387 -6.25 -22.14 22.30
N LEU B 388 -5.65 -22.39 21.15
CA LEU B 388 -6.37 -22.59 19.90
C LEU B 388 -7.40 -23.70 20.14
N GLU B 389 -6.94 -24.79 20.74
CA GLU B 389 -7.79 -25.95 21.01
C GLU B 389 -8.91 -25.64 22.00
N GLN B 390 -8.70 -24.62 22.82
CA GLN B 390 -9.70 -24.19 23.80
C GLN B 390 -10.61 -23.11 23.23
N GLY B 391 -10.45 -22.82 21.95
CA GLY B 391 -11.29 -21.81 21.31
C GLY B 391 -10.81 -20.38 21.43
N ILE B 392 -9.52 -20.19 21.66
CA ILE B 392 -8.95 -18.84 21.80
C ILE B 392 -7.90 -18.63 20.72
N TYR B 393 -8.08 -17.57 19.94
CA TYR B 393 -7.12 -17.26 18.87
C TYR B 393 -6.21 -16.11 19.29
N LEU B 394 -4.94 -16.42 19.53
CA LEU B 394 -3.96 -15.41 19.93
C LEU B 394 -2.99 -15.19 18.79
N ALA B 395 -2.28 -14.07 18.81
CA ALA B 395 -1.29 -13.80 17.77
C ALA B 395 -0.30 -14.96 17.76
N PRO B 396 -0.03 -15.54 16.58
CA PRO B 396 0.90 -16.67 16.46
C PRO B 396 2.36 -16.27 16.53
N SER B 397 2.73 -15.59 17.62
CA SER B 397 4.09 -15.14 17.83
C SER B 397 4.23 -14.54 19.21
N GLN B 398 5.36 -14.81 19.86
CA GLN B 398 5.62 -14.28 21.18
C GLN B 398 5.95 -12.78 21.08
N PHE B 399 6.37 -12.35 19.90
CA PHE B 399 6.74 -10.95 19.70
C PHE B 399 5.70 -10.07 19.03
N GLU B 400 4.43 -10.30 19.36
CA GLU B 400 3.32 -9.54 18.80
C GLU B 400 2.39 -9.19 19.95
N ALA B 401 2.01 -7.92 20.05
CA ALA B 401 1.10 -7.50 21.09
C ALA B 401 -0.28 -8.06 20.79
N GLY B 402 -1.09 -8.22 21.83
CA GLY B 402 -2.45 -8.71 21.66
C GLY B 402 -3.41 -7.54 21.66
N PHE B 403 -4.60 -7.72 21.12
CA PHE B 403 -5.57 -6.62 21.06
C PHE B 403 -6.98 -7.05 21.48
N THR B 404 -7.70 -6.13 22.10
CA THR B 404 -9.09 -6.39 22.50
C THR B 404 -9.95 -5.41 21.72
N SER B 405 -11.26 -5.58 21.76
CA SER B 405 -12.15 -4.69 21.03
C SER B 405 -13.40 -4.40 21.85
N LEU B 406 -14.17 -3.42 21.41
CA LEU B 406 -15.39 -3.04 22.08
C LEU B 406 -16.43 -4.15 22.04
N ALA B 407 -16.25 -5.09 21.13
CA ALA B 407 -17.18 -6.21 20.99
C ALA B 407 -16.89 -7.35 21.95
N HIS B 408 -15.73 -7.34 22.58
CA HIS B 408 -15.40 -8.40 23.55
C HIS B 408 -16.24 -8.15 24.79
N THR B 409 -17.02 -9.14 25.20
CA THR B 409 -17.88 -8.98 26.36
C THR B 409 -17.18 -9.50 27.62
N GLU B 410 -17.77 -9.22 28.77
CA GLU B 410 -17.20 -9.69 30.02
C GLU B 410 -17.16 -11.21 29.98
N GLU B 411 -18.17 -11.79 29.36
CA GLU B 411 -18.26 -13.25 29.25
C GLU B 411 -17.12 -13.80 28.40
N ASP B 412 -16.76 -13.09 27.33
CA ASP B 412 -15.68 -13.52 26.45
C ASP B 412 -14.38 -13.54 27.25
N ILE B 413 -14.18 -12.53 28.10
CA ILE B 413 -12.98 -12.46 28.91
C ILE B 413 -12.96 -13.60 29.92
N ASP B 414 -14.10 -13.89 30.51
CA ASP B 414 -14.20 -14.98 31.48
C ASP B 414 -13.76 -16.29 30.83
N ALA B 415 -14.34 -16.58 29.66
CA ALA B 415 -14.04 -17.79 28.91
C ALA B 415 -12.58 -17.87 28.49
N THR B 416 -11.98 -16.72 28.23
CA THR B 416 -10.58 -16.67 27.81
C THR B 416 -9.67 -17.05 28.99
N LEU B 417 -10.00 -16.55 30.18
CA LEU B 417 -9.20 -16.86 31.35
C LEU B 417 -9.39 -18.34 31.73
N ALA B 418 -10.61 -18.83 31.56
CA ALA B 418 -10.90 -20.23 31.86
C ALA B 418 -10.01 -21.10 30.97
N ALA B 419 -9.92 -20.70 29.70
CA ALA B 419 -9.11 -21.43 28.73
C ALA B 419 -7.64 -21.37 29.13
N ALA B 420 -7.18 -20.18 29.53
CA ALA B 420 -5.78 -20.00 29.93
C ALA B 420 -5.43 -20.89 31.13
N ARG B 421 -6.35 -21.04 32.07
CA ARG B 421 -6.14 -21.88 33.25
C ARG B 421 -5.95 -23.33 32.79
N THR B 422 -6.87 -23.81 31.97
CA THR B 422 -6.81 -25.18 31.48
C THR B 422 -5.50 -25.43 30.75
N VAL B 423 -5.14 -24.54 29.83
CA VAL B 423 -3.90 -24.72 29.08
C VAL B 423 -2.65 -24.64 29.97
N MET B 424 -2.50 -23.57 30.75
CA MET B 424 -1.31 -23.43 31.58
C MET B 424 -1.20 -24.49 32.68
N SER B 425 -2.31 -25.03 33.14
CA SER B 425 -2.27 -26.06 34.17
C SER B 425 -1.68 -27.33 33.57
N ALA B 426 -1.82 -27.49 32.26
CA ALA B 426 -1.31 -28.67 31.58
C ALA B 426 0.04 -28.45 30.90
N LEU B 427 0.51 -27.21 30.86
CA LEU B 427 1.80 -26.91 30.24
C LEU B 427 2.93 -27.69 30.92
#